data_4C7O
#
_entry.id   4C7O
#
_cell.length_a   56.720
_cell.length_b   166.330
_cell.length_c   154.590
_cell.angle_alpha   90.00
_cell.angle_beta   90.00
_cell.angle_gamma   90.00
#
_symmetry.space_group_name_H-M   'P 21 21 21'
#
loop_
_entity.id
_entity.type
_entity.pdbx_description
1 polymer 'SIGNAL RECOGNITION PARTICLE PROTEIN'
2 polymer 'SIGNAL RECOGNITION PARTICLE RECEPTOR FTSY'
3 polymer 'SRP RNA'
4 non-polymer 'TETRAFLUOROALUMINATE ION'
5 non-polymer 'MAGNESIUM ION'
6 non-polymer "GUANOSINE-5'-DIPHOSPHATE"
7 water water
#
loop_
_entity_poly.entity_id
_entity_poly.type
_entity_poly.pdbx_seq_one_letter_code
_entity_poly.pdbx_strand_id
1 'polypeptide(L)'
;MFDNLTDRLSRTLRNISGRGRLTEDNVKDTLREVRMALLEADVALPVVREFINRVKEKAVGHEVNKSLTPGQEFVKIVRN
ELVAAMGEENQTLNLAAQPPAVVLMAGLQGAGKTTSVGKLGKFLREKHKKKVLVVSADVYRPAAIKQLETLAEQVGVDFF
PSDVGQKPVDIVNAALKEAKLKFYDVLLVDTAGRLHVDEAMMDEIKQVHASINPVETLFVVDAMTGQDAANTAKAFNEAL
PLTGVVLTKVDGDARGGAALSIRHITGKPIKFLGVGEKTEALEPFHPDRIASRILGMG
;
A,C
2 'polypeptide(L)'
;GKKIDDDLFEELEEQLLIADVGVETTRKIITNLTEGASRKQLRDAEALYGLLKEEMGEILAKVDEPLNVEGKAPFVILMV
GVNGVGKTTTIGKLARQFEQQGKSVMLAAGDTFRAAAVEQLQVWGQRNNIPVIAQHTGADSASVIFDAIQAAKARNIDVL
IADTAGRLQNKSHLMEELKKIVRVMKKLDVEAPHEVMLTIDASTGQNAVSQAKLFHEAVGLTGITLTKLDGTAKGGVIFS
VADQFGIPIRYIGVGERIEDLRPFKADDFIEALFARED
;
B,D
3 'polyribonucleotide' UGUUGGUUCUCCCGCAACGCGGAAGCGUGUGCCGGGAUGUAGCUGGCA E
#
loop_
_chem_comp.id
_chem_comp.type
_chem_comp.name
_chem_comp.formula
A RNA linking ADENOSINE-5'-MONOPHOSPHATE 'C10 H14 N5 O7 P'
ALF non-polymer 'TETRAFLUOROALUMINATE ION' 'Al F4 -1'
C RNA linking CYTIDINE-5'-MONOPHOSPHATE 'C9 H14 N3 O8 P'
G RNA linking GUANOSINE-5'-MONOPHOSPHATE 'C10 H14 N5 O8 P'
GDP RNA linking GUANOSINE-5'-DIPHOSPHATE 'C10 H15 N5 O11 P2'
MG non-polymer 'MAGNESIUM ION' 'Mg 2'
U RNA linking URIDINE-5'-MONOPHOSPHATE 'C9 H13 N2 O9 P'
#
# COMPACT_ATOMS: atom_id res chain seq x y z
N ASN A 4 4.27 -7.56 -2.80
CA ASN A 4 3.71 -8.91 -2.87
C ASN A 4 4.63 -9.93 -3.51
N LEU A 5 5.28 -9.49 -4.58
CA LEU A 5 6.08 -10.38 -5.42
C LEU A 5 7.29 -10.97 -4.70
N THR A 6 8.20 -10.08 -4.29
CA THR A 6 9.41 -10.45 -3.59
C THR A 6 9.16 -11.35 -2.38
N ASP A 7 8.13 -11.02 -1.61
CA ASP A 7 7.80 -11.75 -0.39
C ASP A 7 7.17 -13.12 -0.62
N ARG A 8 6.33 -13.23 -1.64
CA ARG A 8 5.71 -14.50 -2.00
C ARG A 8 6.80 -15.46 -2.48
N LEU A 9 7.58 -14.99 -3.45
CA LEU A 9 8.67 -15.77 -4.02
C LEU A 9 9.70 -16.19 -2.96
N SER A 10 10.03 -15.26 -2.07
CA SER A 10 10.89 -15.59 -0.92
C SER A 10 10.26 -16.68 -0.02
N ARG A 11 8.94 -16.60 0.20
CA ARG A 11 8.25 -17.62 1.01
C ARG A 11 8.40 -19.01 0.40
N THR A 12 7.97 -19.15 -0.86
CA THR A 12 8.03 -20.42 -1.56
C THR A 12 9.45 -20.96 -1.53
N LEU A 13 10.39 -20.08 -1.86
CA LEU A 13 11.80 -20.48 -1.96
C LEU A 13 12.53 -20.84 -0.65
N ARG A 14 12.19 -20.23 0.48
CA ARG A 14 12.75 -20.70 1.75
C ARG A 14 12.06 -21.96 2.27
N ASN A 15 10.74 -22.05 2.07
CA ASN A 15 9.93 -23.15 2.63
C ASN A 15 9.96 -24.51 1.94
N ILE A 16 10.07 -24.56 0.61
CA ILE A 16 10.20 -25.86 -0.04
C ILE A 16 11.66 -26.28 -0.01
N SER A 17 12.56 -25.53 -0.64
CA SER A 17 13.97 -25.91 -0.63
C SER A 17 14.72 -25.18 0.48
N GLY A 18 15.78 -25.79 1.01
CA GLY A 18 16.58 -25.17 2.03
C GLY A 18 17.71 -24.39 1.38
N ARG A 19 18.92 -24.92 1.48
CA ARG A 19 20.08 -24.28 0.87
C ARG A 19 20.79 -25.21 -0.11
N GLY A 20 20.02 -25.70 -1.06
CA GLY A 20 20.54 -26.44 -2.20
C GLY A 20 20.14 -25.63 -3.41
N ARG A 21 20.71 -25.96 -4.57
CA ARG A 21 20.49 -25.18 -5.79
C ARG A 21 19.04 -25.33 -6.17
N LEU A 22 18.48 -24.36 -6.88
CA LEU A 22 17.09 -24.53 -7.28
C LEU A 22 16.87 -25.53 -8.41
N THR A 23 15.96 -26.44 -8.11
CA THR A 23 15.60 -27.57 -8.97
C THR A 23 14.06 -27.53 -9.11
N GLU A 24 13.56 -28.10 -10.21
CA GLU A 24 12.16 -28.02 -10.59
C GLU A 24 11.14 -28.25 -9.47
N ASP A 25 11.46 -29.13 -8.54
CA ASP A 25 10.53 -29.46 -7.46
C ASP A 25 10.39 -28.36 -6.40
N ASN A 26 11.33 -27.43 -6.40
CA ASN A 26 11.24 -26.22 -5.55
C ASN A 26 10.29 -25.19 -6.15
N VAL A 27 10.18 -25.23 -7.47
CA VAL A 27 9.51 -24.21 -8.27
C VAL A 27 7.97 -24.24 -8.25
N LYS A 28 7.40 -25.38 -7.86
CA LYS A 28 5.95 -25.59 -7.91
C LYS A 28 5.10 -24.44 -7.38
N ASP A 29 5.23 -24.12 -6.10
CA ASP A 29 4.43 -23.03 -5.53
C ASP A 29 4.72 -21.69 -6.21
N THR A 30 5.99 -21.49 -6.56
CA THR A 30 6.42 -20.24 -7.19
C THR A 30 5.63 -19.96 -8.48
N LEU A 31 5.53 -20.99 -9.33
CA LEU A 31 4.85 -20.87 -10.62
C LEU A 31 3.36 -20.54 -10.54
N ARG A 32 2.66 -21.24 -9.66
CA ARG A 32 1.23 -21.02 -9.47
C ARG A 32 0.95 -19.59 -9.01
N GLU A 33 1.71 -19.13 -8.02
CA GLU A 33 1.54 -17.78 -7.48
C GLU A 33 1.86 -16.69 -8.52
N VAL A 34 2.98 -16.85 -9.25
CA VAL A 34 3.30 -15.89 -10.31
C VAL A 34 2.12 -15.82 -11.27
N ARG A 35 1.54 -16.98 -11.57
CA ARG A 35 0.39 -17.05 -12.44
C ARG A 35 -0.78 -16.22 -11.88
N MET A 36 -1.03 -16.37 -10.58
CA MET A 36 -2.10 -15.60 -9.92
C MET A 36 -1.87 -14.09 -10.00
N ALA A 37 -0.63 -13.68 -9.78
CA ALA A 37 -0.28 -12.27 -9.80
C ALA A 37 -0.58 -11.70 -11.19
N LEU A 38 -0.14 -12.44 -12.21
CA LEU A 38 -0.33 -12.00 -13.58
C LEU A 38 -1.81 -12.00 -13.97
N LEU A 39 -2.60 -12.88 -13.37
CA LEU A 39 -4.03 -12.88 -13.69
C LEU A 39 -4.77 -11.72 -13.03
N GLU A 40 -4.40 -11.38 -11.81
CA GLU A 40 -4.97 -10.21 -11.14
C GLU A 40 -4.51 -8.93 -11.86
N ALA A 41 -3.45 -9.07 -12.65
CA ALA A 41 -2.89 -7.96 -13.39
C ALA A 41 -3.51 -7.86 -14.77
N ASP A 42 -4.51 -8.70 -15.03
CA ASP A 42 -5.26 -8.73 -16.29
C ASP A 42 -4.49 -9.28 -17.49
N VAL A 43 -3.49 -10.12 -17.24
CA VAL A 43 -2.81 -10.78 -18.35
C VAL A 43 -3.71 -11.91 -18.78
N ALA A 44 -4.00 -11.98 -20.08
CA ALA A 44 -4.82 -13.06 -20.61
C ALA A 44 -4.12 -14.40 -20.34
N LEU A 45 -4.89 -15.36 -19.86
CA LEU A 45 -4.40 -16.68 -19.43
C LEU A 45 -3.34 -17.41 -20.28
N PRO A 46 -3.57 -17.56 -21.59
CA PRO A 46 -2.61 -18.34 -22.39
C PRO A 46 -1.20 -17.76 -22.32
N VAL A 47 -1.15 -16.43 -22.36
CA VAL A 47 0.09 -15.69 -22.27
C VAL A 47 0.77 -16.00 -20.94
N VAL A 48 -0.04 -16.14 -19.89
CA VAL A 48 0.51 -16.48 -18.58
C VAL A 48 1.16 -17.86 -18.62
N ARG A 49 0.52 -18.82 -19.28
CA ARG A 49 1.09 -20.17 -19.35
C ARG A 49 2.44 -20.14 -20.08
N GLU A 50 2.44 -19.51 -21.24
CA GLU A 50 3.63 -19.40 -22.06
C GLU A 50 4.82 -18.71 -21.36
N PHE A 51 4.54 -17.63 -20.63
CA PHE A 51 5.57 -16.95 -19.84
C PHE A 51 6.08 -17.91 -18.76
N ILE A 52 5.13 -18.62 -18.13
CA ILE A 52 5.46 -19.56 -17.05
C ILE A 52 6.42 -20.63 -17.50
N ASN A 53 6.22 -21.18 -18.69
CA ASN A 53 7.11 -22.19 -19.22
C ASN A 53 8.55 -21.73 -19.34
N ARG A 54 8.74 -20.51 -19.83
CA ARG A 54 10.07 -19.90 -19.95
C ARG A 54 10.69 -19.76 -18.57
N VAL A 55 9.84 -19.35 -17.63
CA VAL A 55 10.24 -19.24 -16.23
C VAL A 55 10.69 -20.59 -15.67
N LYS A 56 9.97 -21.65 -16.04
CA LYS A 56 10.29 -23.03 -15.67
C LYS A 56 11.68 -23.37 -16.16
N GLU A 57 11.89 -23.11 -17.44
CA GLU A 57 13.18 -23.35 -18.07
C GLU A 57 14.33 -22.63 -17.39
N LYS A 58 14.08 -21.43 -16.90
CA LYS A 58 15.11 -20.67 -16.21
C LYS A 58 15.24 -21.17 -14.77
N ALA A 59 14.22 -21.89 -14.31
CA ALA A 59 14.15 -22.44 -12.96
C ALA A 59 14.93 -23.75 -12.81
N VAL A 60 14.93 -24.55 -13.86
CA VAL A 60 15.59 -25.86 -13.81
C VAL A 60 17.08 -25.78 -13.49
N GLY A 61 17.81 -25.02 -14.31
CA GLY A 61 19.25 -24.84 -14.15
C GLY A 61 19.68 -23.67 -13.29
N HIS A 62 18.83 -23.24 -12.37
CA HIS A 62 19.12 -22.11 -11.48
C HIS A 62 20.48 -22.17 -10.76
N GLU A 63 21.16 -21.03 -10.79
CA GLU A 63 22.44 -20.78 -10.15
C GLU A 63 22.07 -20.00 -8.89
N VAL A 64 21.07 -20.48 -8.15
CA VAL A 64 20.44 -19.72 -7.06
C VAL A 64 20.91 -19.84 -5.62
N ASN A 65 21.20 -21.05 -5.15
CA ASN A 65 21.66 -21.25 -3.78
C ASN A 65 22.77 -20.30 -3.31
N LYS A 66 23.41 -19.61 -4.25
CA LYS A 66 24.55 -18.75 -3.94
C LYS A 66 24.22 -17.32 -3.57
N SER A 67 23.22 -16.72 -4.22
CA SER A 67 22.84 -15.38 -3.84
C SER A 67 22.26 -15.41 -2.44
N LEU A 68 21.90 -14.25 -1.95
CA LEU A 68 21.46 -14.11 -0.58
C LEU A 68 19.98 -14.50 -0.43
N THR A 69 19.09 -13.69 -0.99
CA THR A 69 17.66 -13.96 -0.96
C THR A 69 17.19 -14.69 -2.22
N PRO A 70 16.54 -15.85 -2.04
CA PRO A 70 16.06 -16.64 -3.19
C PRO A 70 14.96 -15.93 -4.00
N GLY A 71 14.10 -15.21 -3.27
CA GLY A 71 13.05 -14.44 -3.89
C GLY A 71 13.61 -13.39 -4.82
N GLN A 72 14.66 -12.70 -4.38
CA GLN A 72 15.24 -11.60 -5.14
C GLN A 72 15.84 -12.02 -6.48
N GLU A 73 16.58 -13.13 -6.48
CA GLU A 73 17.20 -13.64 -7.71
C GLU A 73 16.15 -14.17 -8.66
N PHE A 74 15.17 -14.88 -8.11
CA PHE A 74 14.13 -15.39 -8.98
C PHE A 74 13.35 -14.22 -9.61
N VAL A 75 13.15 -13.19 -8.81
CA VAL A 75 12.50 -11.97 -9.26
C VAL A 75 13.34 -11.33 -10.36
N LYS A 76 14.67 -11.31 -10.19
CA LYS A 76 15.54 -10.71 -11.20
C LYS A 76 15.32 -11.44 -12.52
N ILE A 77 15.25 -12.76 -12.46
CA ILE A 77 14.94 -13.53 -13.66
C ILE A 77 13.54 -13.29 -14.29
N VAL A 78 12.48 -13.24 -13.47
CA VAL A 78 11.16 -12.91 -14.01
C VAL A 78 11.15 -11.54 -14.68
N ARG A 79 11.76 -10.59 -14.00
CA ARG A 79 11.86 -9.22 -14.49
C ARG A 79 12.63 -9.13 -15.80
N ASN A 80 13.78 -9.79 -15.85
CA ASN A 80 14.59 -9.83 -17.07
C ASN A 80 13.79 -10.43 -18.21
N GLU A 81 13.11 -11.54 -17.93
CA GLU A 81 12.30 -12.20 -18.95
C GLU A 81 11.21 -11.30 -19.48
N LEU A 82 10.61 -10.55 -18.58
CA LEU A 82 9.47 -9.76 -18.95
C LEU A 82 9.94 -8.58 -19.78
N VAL A 83 10.99 -7.93 -19.31
CA VAL A 83 11.60 -6.81 -20.04
C VAL A 83 12.04 -7.27 -21.42
N ALA A 84 12.45 -8.52 -21.53
CA ALA A 84 12.77 -9.10 -22.82
C ALA A 84 11.50 -9.24 -23.66
N ALA A 85 10.42 -9.69 -23.03
CA ALA A 85 9.18 -9.95 -23.75
C ALA A 85 8.60 -8.67 -24.34
N MET A 86 8.73 -7.59 -23.58
CA MET A 86 8.11 -6.33 -23.93
C MET A 86 8.67 -5.64 -25.17
N GLY A 87 9.90 -6.00 -25.56
CA GLY A 87 10.49 -5.41 -26.75
C GLY A 87 11.68 -4.54 -26.45
N GLU A 88 11.96 -3.60 -27.35
CA GLU A 88 13.13 -2.73 -27.22
C GLU A 88 12.73 -1.29 -26.96
N GLU A 89 13.70 -0.45 -26.64
CA GLU A 89 13.41 0.96 -26.50
C GLU A 89 13.65 1.67 -27.82
N ASN A 90 13.30 2.96 -27.86
CA ASN A 90 13.52 3.78 -29.06
C ASN A 90 12.88 3.16 -30.31
N GLN A 91 11.70 2.58 -30.10
CA GLN A 91 10.84 2.07 -31.18
C GLN A 91 10.04 3.22 -31.77
N THR A 92 10.06 3.32 -33.08
CA THR A 92 9.71 4.56 -33.77
C THR A 92 8.77 4.30 -34.96
N LEU A 93 8.13 5.36 -35.42
CA LEU A 93 7.36 5.34 -36.67
C LEU A 93 8.30 5.56 -37.87
N ASN A 94 8.20 4.71 -38.89
CA ASN A 94 9.00 4.91 -40.08
C ASN A 94 8.65 6.19 -40.85
N LEU A 95 9.44 7.24 -40.62
CA LEU A 95 9.28 8.54 -41.29
C LEU A 95 10.37 8.82 -42.33
N ALA A 96 11.23 7.83 -42.58
CA ALA A 96 12.37 8.00 -43.49
C ALA A 96 12.09 7.59 -44.95
N ALA A 97 11.01 6.83 -45.16
CA ALA A 97 10.61 6.37 -46.50
C ALA A 97 10.01 7.49 -47.38
N GLN A 98 9.37 7.11 -48.48
CA GLN A 98 8.76 8.13 -49.35
C GLN A 98 7.55 8.80 -48.71
N PRO A 99 7.57 10.15 -48.66
CA PRO A 99 6.46 10.97 -48.18
C PRO A 99 5.32 11.07 -49.21
N PRO A 100 4.06 11.16 -48.74
CA PRO A 100 3.74 11.23 -47.31
C PRO A 100 3.74 9.87 -46.59
N ALA A 101 4.23 9.90 -45.35
CA ALA A 101 4.10 8.78 -44.44
C ALA A 101 2.63 8.69 -43.99
N VAL A 102 1.95 7.64 -44.45
CA VAL A 102 0.58 7.38 -44.08
C VAL A 102 0.51 6.51 -42.83
N VAL A 103 -0.16 7.02 -41.80
CA VAL A 103 -0.38 6.29 -40.57
C VAL A 103 -1.87 6.02 -40.35
N LEU A 104 -2.21 4.74 -40.23
CA LEU A 104 -3.59 4.33 -40.04
C LEU A 104 -3.79 3.84 -38.62
N MET A 105 -4.82 4.39 -37.96
CA MET A 105 -5.27 3.95 -36.63
C MET A 105 -6.35 2.89 -36.69
N ALA A 106 -6.31 1.94 -35.76
CA ALA A 106 -7.33 0.90 -35.67
C ALA A 106 -7.50 0.40 -34.23
N GLY A 107 -8.73 0.00 -33.88
CA GLY A 107 -9.00 -0.52 -32.55
C GLY A 107 -10.45 -0.35 -32.18
N LEU A 108 -10.78 -0.82 -30.98
CA LEU A 108 -12.17 -0.81 -30.51
C LEU A 108 -12.68 0.56 -30.17
N GLN A 109 -13.96 0.61 -29.86
CA GLN A 109 -14.66 1.84 -29.56
C GLN A 109 -14.14 2.55 -28.31
N GLY A 110 -13.89 3.85 -28.43
CA GLY A 110 -13.50 4.63 -27.28
C GLY A 110 -12.09 4.31 -26.75
N ALA A 111 -11.28 3.63 -27.56
CA ALA A 111 -9.95 3.20 -27.13
C ALA A 111 -9.02 4.36 -26.89
N GLY A 112 -9.14 5.41 -27.72
CA GLY A 112 -8.39 6.63 -27.56
C GLY A 112 -7.71 6.98 -28.88
N LYS A 113 -8.32 6.55 -29.98
CA LYS A 113 -7.72 6.73 -31.30
C LYS A 113 -7.66 8.16 -31.75
N THR A 114 -8.75 8.87 -31.61
CA THR A 114 -8.82 10.25 -32.07
C THR A 114 -7.90 11.13 -31.23
N THR A 115 -7.98 10.91 -29.93
CA THR A 115 -7.09 11.56 -29.01
C THR A 115 -5.63 11.26 -29.37
N SER A 116 -5.37 10.03 -29.76
CA SER A 116 -4.02 9.64 -30.12
C SER A 116 -3.58 10.31 -31.40
N VAL A 117 -4.48 10.41 -32.38
CA VAL A 117 -4.13 11.12 -33.60
C VAL A 117 -3.72 12.55 -33.27
N GLY A 118 -4.46 13.22 -32.40
CA GLY A 118 -4.09 14.57 -31.99
C GLY A 118 -2.71 14.62 -31.35
N LYS A 119 -2.44 13.64 -30.50
CA LYS A 119 -1.15 13.57 -29.83
C LYS A 119 0.04 13.38 -30.85
N LEU A 120 -0.21 12.56 -31.86
CA LEU A 120 0.76 12.28 -32.90
C LEU A 120 0.95 13.48 -33.78
N GLY A 121 -0.12 14.22 -34.03
CA GLY A 121 0.02 15.44 -34.79
C GLY A 121 0.94 16.38 -34.04
N LYS A 122 0.73 16.51 -32.73
CA LYS A 122 1.54 17.43 -31.95
C LYS A 122 3.01 17.02 -32.01
N PHE A 123 3.24 15.72 -31.82
CA PHE A 123 4.57 15.17 -31.72
C PHE A 123 5.31 15.37 -33.04
N LEU A 124 4.62 15.01 -34.12
CA LEU A 124 5.22 15.02 -35.45
C LEU A 124 5.52 16.42 -35.96
N ARG A 125 4.63 17.37 -35.69
CA ARG A 125 4.88 18.74 -36.13
C ARG A 125 5.96 19.36 -35.27
N GLU A 126 5.76 19.29 -33.96
CA GLU A 126 6.68 19.97 -33.05
C GLU A 126 8.08 19.35 -33.03
N LYS A 127 8.18 18.04 -32.91
CA LYS A 127 9.49 17.42 -32.70
C LYS A 127 10.19 16.90 -33.98
N HIS A 128 9.43 16.29 -34.89
CA HIS A 128 10.00 15.86 -36.18
C HIS A 128 9.82 16.88 -37.28
N LYS A 129 9.51 18.12 -36.91
CA LYS A 129 9.36 19.20 -37.86
C LYS A 129 8.55 18.79 -39.09
N LYS A 130 7.49 17.99 -38.89
CA LYS A 130 6.71 17.49 -40.01
C LYS A 130 5.52 18.35 -40.40
N LYS A 131 5.20 18.27 -41.68
CA LYS A 131 4.05 18.91 -42.27
C LYS A 131 2.99 17.84 -42.34
N VAL A 132 2.00 17.96 -41.44
CA VAL A 132 1.04 16.89 -41.16
C VAL A 132 -0.36 17.21 -41.64
N LEU A 133 -0.97 16.24 -42.30
CA LEU A 133 -2.38 16.33 -42.60
C LEU A 133 -3.10 15.26 -41.81
N VAL A 134 -4.17 15.62 -41.11
CA VAL A 134 -4.96 14.58 -40.43
C VAL A 134 -6.33 14.48 -41.06
N VAL A 135 -6.89 13.28 -41.07
CA VAL A 135 -8.23 13.06 -41.57
C VAL A 135 -9.01 12.08 -40.70
N SER A 136 -10.33 12.25 -40.67
CA SER A 136 -11.23 11.31 -40.00
C SER A 136 -12.12 10.51 -40.94
N ALA A 137 -12.12 9.20 -40.77
CA ALA A 137 -13.01 8.36 -41.54
C ALA A 137 -14.13 7.88 -40.61
N ASP A 138 -14.22 8.49 -39.42
CA ASP A 138 -15.32 8.15 -38.53
C ASP A 138 -16.61 8.84 -38.95
N VAL A 139 -17.44 8.13 -39.67
CA VAL A 139 -18.71 8.65 -40.13
C VAL A 139 -19.81 8.07 -39.24
N TYR A 140 -19.42 7.40 -38.17
CA TYR A 140 -20.38 6.69 -37.34
C TYR A 140 -20.66 7.39 -36.02
N ARG A 141 -19.65 7.52 -35.17
CA ARG A 141 -19.84 8.18 -33.90
C ARG A 141 -20.14 9.66 -34.11
N PRO A 142 -21.20 10.16 -33.47
CA PRO A 142 -21.58 11.57 -33.57
C PRO A 142 -20.47 12.54 -33.14
N ALA A 143 -20.25 13.56 -33.97
CA ALA A 143 -19.29 14.62 -33.66
C ALA A 143 -17.83 14.17 -33.62
N ALA A 144 -17.54 12.99 -34.16
CA ALA A 144 -16.19 12.43 -34.11
C ALA A 144 -15.23 13.26 -34.97
N ILE A 145 -15.69 13.63 -36.15
CA ILE A 145 -14.93 14.44 -37.07
C ILE A 145 -14.61 15.81 -36.50
N LYS A 146 -15.60 16.41 -35.86
CA LYS A 146 -15.45 17.73 -35.27
C LYS A 146 -14.50 17.58 -34.11
N GLN A 147 -14.53 16.43 -33.46
CA GLN A 147 -13.55 16.15 -32.38
C GLN A 147 -12.12 16.17 -32.94
N LEU A 148 -11.88 15.47 -34.05
CA LEU A 148 -10.59 15.52 -34.71
C LEU A 148 -10.25 16.92 -35.19
N GLU A 149 -11.21 17.60 -35.77
CA GLU A 149 -10.97 18.94 -36.31
C GLU A 149 -10.55 19.87 -35.21
N THR A 150 -11.17 19.71 -34.06
CA THR A 150 -10.85 20.51 -32.90
C THR A 150 -9.45 20.22 -32.45
N LEU A 151 -9.16 18.93 -32.27
CA LEU A 151 -7.82 18.55 -31.83
C LEU A 151 -6.76 19.06 -32.78
N ALA A 152 -7.07 19.01 -34.07
CA ALA A 152 -6.14 19.42 -35.13
C ALA A 152 -5.87 20.91 -35.02
N GLU A 153 -6.93 21.68 -34.88
CA GLU A 153 -6.83 23.13 -34.74
C GLU A 153 -6.05 23.46 -33.49
N GLN A 154 -6.16 22.63 -32.47
CA GLN A 154 -5.45 22.83 -31.23
C GLN A 154 -3.96 22.49 -31.32
N VAL A 155 -3.59 21.53 -32.17
CA VAL A 155 -2.19 21.16 -32.24
C VAL A 155 -1.50 21.76 -33.45
N GLY A 156 -2.18 22.69 -34.11
CA GLY A 156 -1.56 23.45 -35.17
C GLY A 156 -1.29 22.64 -36.42
N VAL A 157 -2.16 21.68 -36.68
CA VAL A 157 -2.01 20.79 -37.83
C VAL A 157 -3.24 20.90 -38.76
N ASP A 158 -3.03 20.63 -40.03
CA ASP A 158 -4.09 20.80 -41.02
C ASP A 158 -5.06 19.63 -41.00
N PHE A 159 -6.32 19.97 -41.25
CA PHE A 159 -7.41 19.03 -41.17
C PHE A 159 -8.08 18.88 -42.52
N PHE A 160 -8.23 17.65 -42.97
CA PHE A 160 -8.94 17.42 -44.22
C PHE A 160 -10.41 17.09 -43.93
N PRO A 161 -11.32 17.99 -44.36
CA PRO A 161 -12.73 17.88 -44.01
C PRO A 161 -13.39 16.63 -44.53
N SER A 162 -14.26 16.06 -43.70
CA SER A 162 -15.07 14.93 -44.10
C SER A 162 -16.38 15.06 -43.37
N ASP A 163 -17.39 14.35 -43.86
CA ASP A 163 -18.69 14.38 -43.24
C ASP A 163 -19.29 13.00 -43.28
N VAL A 164 -20.32 12.83 -42.46
CA VAL A 164 -20.96 11.54 -42.25
C VAL A 164 -21.72 11.05 -43.49
N GLY A 165 -21.88 11.94 -44.47
CA GLY A 165 -22.55 11.60 -45.71
C GLY A 165 -21.60 11.00 -46.74
N GLN A 166 -20.33 10.90 -46.37
CA GLN A 166 -19.30 10.40 -47.27
C GLN A 166 -18.95 8.97 -46.86
N LYS A 167 -18.14 8.32 -47.69
CA LYS A 167 -17.73 6.97 -47.38
C LYS A 167 -16.24 6.95 -47.07
N PRO A 168 -15.86 6.18 -46.05
CA PRO A 168 -14.48 6.15 -45.56
C PRO A 168 -13.44 5.93 -46.67
N VAL A 169 -13.65 4.96 -47.56
CA VAL A 169 -12.69 4.76 -48.66
C VAL A 169 -12.54 6.02 -49.50
N ASP A 170 -13.66 6.64 -49.86
CA ASP A 170 -13.62 7.89 -50.61
C ASP A 170 -12.82 8.92 -49.83
N ILE A 171 -13.07 9.00 -48.54
CA ILE A 171 -12.47 10.00 -47.69
C ILE A 171 -10.97 9.86 -47.65
N VAL A 172 -10.49 8.68 -47.29
CA VAL A 172 -9.05 8.46 -47.20
C VAL A 172 -8.38 8.59 -48.57
N ASN A 173 -9.04 8.14 -49.64
CA ASN A 173 -8.44 8.30 -50.95
C ASN A 173 -8.24 9.77 -51.24
N ALA A 174 -9.26 10.56 -50.93
CA ALA A 174 -9.23 12.01 -51.12
C ALA A 174 -8.11 12.61 -50.30
N ALA A 175 -8.00 12.17 -49.05
CA ALA A 175 -7.02 12.70 -48.12
C ALA A 175 -5.61 12.42 -48.61
N LEU A 176 -5.37 11.18 -49.03
CA LEU A 176 -4.08 10.80 -49.56
C LEU A 176 -3.78 11.65 -50.79
N LYS A 177 -4.79 11.85 -51.63
CA LYS A 177 -4.62 12.62 -52.86
C LYS A 177 -4.16 14.03 -52.51
N GLU A 178 -4.80 14.63 -51.53
CA GLU A 178 -4.43 15.96 -51.08
C GLU A 178 -3.01 16.00 -50.49
N ALA A 179 -2.66 14.97 -49.73
CA ALA A 179 -1.34 14.92 -49.09
C ALA A 179 -0.22 14.80 -50.10
N LYS A 180 -0.42 13.96 -51.12
CA LYS A 180 0.55 13.83 -52.20
C LYS A 180 0.64 15.17 -52.94
N LEU A 181 -0.51 15.67 -53.38
CA LEU A 181 -0.61 16.91 -54.14
C LEU A 181 0.01 18.12 -53.46
N LYS A 182 -0.20 18.26 -52.15
CA LYS A 182 0.33 19.43 -51.44
C LYS A 182 1.65 19.15 -50.70
N PHE A 183 2.31 18.05 -51.03
CA PHE A 183 3.64 17.72 -50.54
C PHE A 183 3.74 17.64 -49.02
N TYR A 184 2.72 17.05 -48.40
CA TYR A 184 2.69 16.84 -46.95
C TYR A 184 3.62 15.74 -46.55
N ASP A 185 4.22 15.86 -45.37
CA ASP A 185 5.15 14.85 -44.91
C ASP A 185 4.42 13.65 -44.29
N VAL A 186 3.27 13.90 -43.67
CA VAL A 186 2.56 12.84 -42.94
C VAL A 186 1.05 12.87 -43.15
N LEU A 187 0.43 11.71 -43.37
CA LEU A 187 -1.04 11.64 -43.30
C LEU A 187 -1.50 10.75 -42.14
N LEU A 188 -2.13 11.34 -41.11
CA LEU A 188 -2.71 10.55 -40.02
C LEU A 188 -4.17 10.16 -40.30
N VAL A 189 -4.46 8.86 -40.28
CA VAL A 189 -5.83 8.45 -40.61
C VAL A 189 -6.58 7.85 -39.43
N ASP A 190 -7.55 8.62 -38.92
CA ASP A 190 -8.40 8.24 -37.82
C ASP A 190 -9.55 7.42 -38.36
N THR A 191 -9.89 6.34 -37.67
CA THR A 191 -11.04 5.55 -38.07
C THR A 191 -11.99 5.32 -36.90
N ALA A 192 -13.20 4.88 -37.23
CA ALA A 192 -14.21 4.64 -36.22
C ALA A 192 -13.78 3.43 -35.42
N GLY A 193 -14.08 3.44 -34.12
CA GLY A 193 -13.89 2.26 -33.30
C GLY A 193 -14.69 1.15 -33.93
N ARG A 194 -14.22 -0.08 -33.80
CA ARG A 194 -14.98 -1.20 -34.34
C ARG A 194 -14.66 -2.46 -33.58
N LEU A 195 -15.63 -3.35 -33.54
CA LEU A 195 -15.46 -4.62 -32.84
C LEU A 195 -14.95 -5.66 -33.82
N HIS A 196 -14.14 -6.59 -33.33
CA HIS A 196 -13.61 -7.64 -34.19
C HIS A 196 -14.69 -8.55 -34.78
N VAL A 197 -15.87 -8.60 -34.14
CA VAL A 197 -16.97 -9.45 -34.60
C VAL A 197 -17.83 -8.73 -35.63
N ASP A 198 -17.55 -7.46 -35.86
CA ASP A 198 -18.31 -6.66 -36.81
C ASP A 198 -17.73 -6.88 -38.20
N GLU A 199 -18.35 -7.80 -38.93
CA GLU A 199 -17.84 -8.22 -40.21
C GLU A 199 -17.72 -7.07 -41.19
N ALA A 200 -18.79 -6.28 -41.31
CA ALA A 200 -18.81 -5.20 -42.28
C ALA A 200 -17.77 -4.12 -41.97
N MET A 201 -17.60 -3.82 -40.68
CA MET A 201 -16.65 -2.79 -40.28
C MET A 201 -15.21 -3.25 -40.41
N MET A 202 -14.97 -4.55 -40.24
CA MET A 202 -13.65 -5.13 -40.45
C MET A 202 -13.33 -5.15 -41.92
N ASP A 203 -14.35 -5.41 -42.73
CA ASP A 203 -14.17 -5.32 -44.17
C ASP A 203 -13.75 -3.91 -44.48
N GLU A 204 -14.41 -2.97 -43.81
CA GLU A 204 -14.15 -1.55 -44.06
C GLU A 204 -12.70 -1.20 -43.75
N ILE A 205 -12.22 -1.61 -42.57
CA ILE A 205 -10.87 -1.27 -42.19
C ILE A 205 -9.84 -1.96 -43.10
N LYS A 206 -10.14 -3.20 -43.50
CA LYS A 206 -9.27 -3.91 -44.43
C LYS A 206 -9.17 -3.17 -45.77
N GLN A 207 -10.30 -2.66 -46.23
CA GLN A 207 -10.37 -1.90 -47.48
C GLN A 207 -9.66 -0.56 -47.39
N VAL A 208 -9.78 0.11 -46.26
CA VAL A 208 -9.10 1.38 -46.04
C VAL A 208 -7.58 1.18 -46.15
N HIS A 209 -7.11 0.17 -45.40
CA HIS A 209 -5.70 -0.21 -45.45
C HIS A 209 -5.28 -0.54 -46.88
N ALA A 210 -6.13 -1.29 -47.58
CA ALA A 210 -5.81 -1.65 -48.96
C ALA A 210 -5.74 -0.42 -49.87
N SER A 211 -6.52 0.61 -49.56
CA SER A 211 -6.58 1.81 -50.39
C SER A 211 -5.36 2.69 -50.24
N ILE A 212 -4.87 2.86 -49.02
CA ILE A 212 -3.76 3.79 -48.81
C ILE A 212 -2.38 3.18 -48.57
N ASN A 213 -2.29 1.86 -48.52
CA ASN A 213 -1.02 1.17 -48.32
C ASN A 213 -0.18 1.84 -47.24
N PRO A 214 -0.70 1.90 -46.01
CA PRO A 214 -0.01 2.70 -45.00
C PRO A 214 1.31 2.09 -44.55
N VAL A 215 2.25 2.96 -44.23
CA VAL A 215 3.58 2.56 -43.76
C VAL A 215 3.53 2.14 -42.28
N GLU A 216 2.61 2.74 -41.52
CA GLU A 216 2.29 2.33 -40.14
C GLU A 216 0.81 2.01 -39.98
N THR A 217 0.51 0.90 -39.31
CA THR A 217 -0.85 0.63 -38.87
C THR A 217 -0.78 0.41 -37.38
N LEU A 218 -1.38 1.32 -36.62
CA LEU A 218 -1.29 1.30 -35.17
C LEU A 218 -2.55 0.74 -34.53
N PHE A 219 -2.37 -0.26 -33.67
CA PHE A 219 -3.47 -0.89 -32.99
C PHE A 219 -3.55 -0.21 -31.63
N VAL A 220 -4.66 0.48 -31.39
CA VAL A 220 -4.83 1.25 -30.17
C VAL A 220 -5.64 0.47 -29.14
N VAL A 221 -5.16 0.40 -27.91
CA VAL A 221 -5.74 -0.50 -26.92
C VAL A 221 -5.83 0.17 -25.57
N ASP A 222 -7.00 0.11 -24.94
CA ASP A 222 -7.21 0.68 -23.61
C ASP A 222 -6.42 -0.16 -22.62
N ALA A 223 -5.61 0.48 -21.79
CA ALA A 223 -4.72 -0.26 -20.89
C ALA A 223 -5.42 -1.00 -19.77
N MET A 224 -6.70 -0.74 -19.57
CA MET A 224 -7.46 -1.41 -18.52
C MET A 224 -8.12 -2.70 -19.05
N THR A 225 -7.92 -2.98 -20.32
CA THR A 225 -8.52 -4.16 -20.94
C THR A 225 -8.17 -5.43 -20.19
N GLY A 226 -9.18 -6.27 -19.98
CA GLY A 226 -9.01 -7.56 -19.33
C GLY A 226 -8.75 -8.66 -20.33
N GLN A 227 -9.33 -9.83 -20.06
CA GLN A 227 -9.08 -11.02 -20.86
C GLN A 227 -9.38 -10.86 -22.35
N ASP A 228 -10.44 -10.13 -22.65
CA ASP A 228 -10.90 -10.00 -24.04
C ASP A 228 -9.85 -9.53 -25.02
N ALA A 229 -8.75 -8.98 -24.51
CA ALA A 229 -7.67 -8.48 -25.33
C ALA A 229 -7.06 -9.61 -26.14
N ALA A 230 -7.12 -10.83 -25.61
CA ALA A 230 -6.62 -11.99 -26.34
C ALA A 230 -7.33 -12.13 -27.68
N ASN A 231 -8.64 -11.90 -27.65
CA ASN A 231 -9.46 -12.03 -28.84
C ASN A 231 -9.17 -10.93 -29.84
N THR A 232 -9.37 -9.68 -29.40
CA THR A 232 -9.26 -8.51 -30.24
C THR A 232 -7.91 -8.46 -30.96
N ALA A 233 -6.84 -8.57 -30.16
CA ALA A 233 -5.48 -8.60 -30.69
C ALA A 233 -5.42 -9.56 -31.84
N LYS A 234 -5.84 -10.79 -31.57
CA LYS A 234 -5.74 -11.85 -32.56
C LYS A 234 -6.43 -11.40 -33.83
N ALA A 235 -7.65 -10.92 -33.67
CA ALA A 235 -8.46 -10.60 -34.81
C ALA A 235 -7.79 -9.50 -35.59
N PHE A 236 -7.37 -8.46 -34.87
CA PHE A 236 -6.80 -7.32 -35.54
C PHE A 236 -5.47 -7.69 -36.18
N ASN A 237 -4.71 -8.53 -35.48
CA ASN A 237 -3.40 -8.92 -36.00
C ASN A 237 -3.62 -9.66 -37.31
N GLU A 238 -4.71 -10.42 -37.36
CA GLU A 238 -4.97 -11.25 -38.52
C GLU A 238 -5.67 -10.48 -39.61
N ALA A 239 -6.20 -9.31 -39.27
CA ALA A 239 -6.99 -8.56 -40.23
C ALA A 239 -6.14 -7.53 -40.96
N LEU A 240 -5.10 -7.06 -40.29
CA LEU A 240 -4.24 -6.02 -40.84
C LEU A 240 -2.76 -6.32 -40.57
N PRO A 241 -1.88 -5.82 -41.45
CA PRO A 241 -0.46 -5.88 -41.06
C PRO A 241 -0.15 -4.74 -40.08
N LEU A 242 -0.13 -5.06 -38.79
CA LEU A 242 0.14 -4.07 -37.77
C LEU A 242 1.62 -3.78 -37.70
N THR A 243 1.98 -2.51 -37.51
CA THR A 243 3.39 -2.15 -37.40
C THR A 243 3.72 -1.65 -36.01
N GLY A 244 2.68 -1.39 -35.23
CA GLY A 244 2.87 -0.84 -33.89
C GLY A 244 1.61 -0.84 -33.05
N VAL A 245 1.78 -0.56 -31.77
CA VAL A 245 0.66 -0.57 -30.85
C VAL A 245 0.68 0.65 -29.98
N VAL A 246 -0.48 1.29 -29.82
CA VAL A 246 -0.60 2.35 -28.83
C VAL A 246 -1.44 1.87 -27.66
N LEU A 247 -0.85 1.94 -26.47
CA LEU A 247 -1.52 1.55 -25.25
C LEU A 247 -1.88 2.85 -24.53
N THR A 248 -3.18 3.10 -24.40
CA THR A 248 -3.67 4.37 -23.88
C THR A 248 -4.13 4.24 -22.45
N LYS A 249 -4.26 5.38 -21.76
CA LYS A 249 -4.82 5.41 -20.40
C LYS A 249 -4.00 4.69 -19.34
N VAL A 250 -2.68 4.74 -19.54
CA VAL A 250 -1.67 4.20 -18.62
C VAL A 250 -1.48 5.14 -17.40
N ASP A 251 -2.05 6.34 -17.49
CA ASP A 251 -2.08 7.26 -16.36
C ASP A 251 -3.10 6.81 -15.30
N GLY A 252 -3.88 5.80 -15.63
CA GLY A 252 -4.76 5.18 -14.65
C GLY A 252 -3.99 4.28 -13.69
N ASP A 253 -4.71 3.56 -12.81
CA ASP A 253 -4.03 2.68 -11.87
C ASP A 253 -4.16 1.20 -12.23
N ALA A 254 -4.70 0.90 -13.41
CA ALA A 254 -4.77 -0.49 -13.89
C ALA A 254 -3.38 -1.10 -14.01
N ARG A 255 -3.26 -2.40 -13.70
CA ARG A 255 -1.95 -3.04 -13.69
C ARG A 255 -1.34 -3.11 -15.09
N GLY A 256 -2.21 -3.21 -16.11
CA GLY A 256 -1.77 -3.06 -17.48
C GLY A 256 -1.35 -4.34 -18.18
N GLY A 257 -1.66 -5.49 -17.59
CA GLY A 257 -1.26 -6.76 -18.16
C GLY A 257 -1.65 -7.02 -19.60
N ALA A 258 -2.62 -6.27 -20.12
CA ALA A 258 -3.06 -6.46 -21.49
C ALA A 258 -1.89 -6.24 -22.41
N ALA A 259 -0.99 -5.35 -22.00
CA ALA A 259 0.22 -5.05 -22.75
C ALA A 259 1.00 -6.31 -23.07
N LEU A 260 1.12 -7.21 -22.08
CA LEU A 260 1.83 -8.44 -22.35
C LEU A 260 1.05 -9.29 -23.35
N SER A 261 -0.23 -9.49 -23.02
CA SER A 261 -1.14 -10.28 -23.83
C SER A 261 -1.00 -9.89 -25.29
N ILE A 262 -1.33 -8.65 -25.57
CA ILE A 262 -1.25 -8.10 -26.92
C ILE A 262 0.12 -8.35 -27.50
N ARG A 263 1.14 -7.90 -26.78
CA ARG A 263 2.51 -8.00 -27.24
C ARG A 263 2.77 -9.44 -27.64
N HIS A 264 2.29 -10.37 -26.83
CA HIS A 264 2.48 -11.77 -27.15
C HIS A 264 1.75 -12.21 -28.41
N ILE A 265 0.45 -11.99 -28.43
CA ILE A 265 -0.39 -12.56 -29.47
C ILE A 265 -0.10 -11.96 -30.84
N THR A 266 0.31 -10.71 -30.84
CA THR A 266 0.63 -10.06 -32.09
C THR A 266 2.13 -10.05 -32.39
N GLY A 267 2.95 -10.09 -31.35
CA GLY A 267 4.38 -9.97 -31.57
C GLY A 267 4.79 -8.62 -32.15
N LYS A 268 3.93 -7.62 -31.99
CA LYS A 268 4.18 -6.30 -32.57
C LYS A 268 4.68 -5.33 -31.50
N PRO A 269 5.52 -4.35 -31.89
CA PRO A 269 6.09 -3.47 -30.85
C PRO A 269 5.09 -2.42 -30.35
N ILE A 270 5.11 -2.17 -29.05
CA ILE A 270 4.39 -1.06 -28.47
C ILE A 270 5.21 0.19 -28.65
N LYS A 271 4.70 1.14 -29.42
CA LYS A 271 5.49 2.33 -29.76
C LYS A 271 5.20 3.55 -28.91
N PHE A 272 4.00 3.60 -28.35
CA PHE A 272 3.58 4.75 -27.58
C PHE A 272 2.74 4.40 -26.37
N LEU A 273 2.84 5.23 -25.36
CA LEU A 273 1.93 5.20 -24.25
C LEU A 273 1.11 6.48 -24.30
N GLY A 274 -0.22 6.35 -24.22
CA GLY A 274 -1.10 7.48 -24.02
C GLY A 274 -1.13 7.66 -22.54
N VAL A 275 -0.92 8.87 -22.06
CA VAL A 275 -0.70 9.04 -20.64
C VAL A 275 -1.53 10.21 -20.05
N GLY A 276 -2.60 10.55 -20.72
CA GLY A 276 -3.50 11.59 -20.25
C GLY A 276 -4.47 11.96 -21.35
N GLU A 277 -5.34 12.91 -21.08
CA GLU A 277 -6.39 13.25 -22.05
C GLU A 277 -5.94 14.39 -22.94
N LYS A 278 -5.01 15.19 -22.43
CA LYS A 278 -4.49 16.31 -23.19
C LYS A 278 -3.55 15.85 -24.31
N THR A 279 -3.34 16.69 -25.30
CA THR A 279 -2.53 16.33 -26.46
C THR A 279 -1.02 16.27 -26.19
N GLU A 280 -0.56 16.85 -25.09
CA GLU A 280 0.84 16.73 -24.76
C GLU A 280 1.08 15.39 -24.11
N ALA A 281 0.02 14.68 -23.79
CA ALA A 281 0.18 13.51 -22.93
C ALA A 281 0.62 12.23 -23.68
N LEU A 282 1.80 12.29 -24.30
CA LEU A 282 2.30 11.13 -25.06
C LEU A 282 3.71 10.75 -24.60
N GLU A 283 3.94 9.45 -24.40
CA GLU A 283 5.24 9.00 -23.91
C GLU A 283 5.74 7.83 -24.73
N PRO A 284 7.08 7.66 -24.82
CA PRO A 284 7.64 6.49 -25.49
C PRO A 284 7.53 5.27 -24.59
N PHE A 285 7.62 4.08 -25.16
CA PHE A 285 7.46 2.85 -24.41
C PHE A 285 8.77 2.36 -23.81
N HIS A 286 8.80 2.17 -22.49
CA HIS A 286 9.94 1.56 -21.83
C HIS A 286 9.59 0.21 -21.23
N PRO A 287 10.08 -0.88 -21.85
CA PRO A 287 9.79 -2.25 -21.41
C PRO A 287 9.94 -2.47 -19.91
N ASP A 288 11.00 -1.94 -19.30
CA ASP A 288 11.24 -2.21 -17.89
C ASP A 288 10.21 -1.53 -16.99
N ARG A 289 9.85 -0.29 -17.32
CA ARG A 289 8.86 0.44 -16.50
C ARG A 289 7.50 -0.26 -16.50
N ILE A 290 7.02 -0.61 -17.69
CA ILE A 290 5.75 -1.32 -17.83
C ILE A 290 5.84 -2.69 -17.16
N ALA A 291 6.98 -3.36 -17.31
CA ALA A 291 7.21 -4.65 -16.69
C ALA A 291 7.05 -4.57 -15.16
N SER A 292 7.77 -3.62 -14.55
CA SER A 292 7.68 -3.41 -13.11
C SER A 292 6.27 -3.01 -12.68
N ARG A 293 5.57 -2.29 -13.55
CA ARG A 293 4.18 -1.94 -13.28
C ARG A 293 3.29 -3.18 -13.19
N ILE A 294 3.38 -4.03 -14.20
CA ILE A 294 2.61 -5.28 -14.24
C ILE A 294 2.94 -6.17 -13.04
N LEU A 295 4.21 -6.28 -12.67
CA LEU A 295 4.54 -7.05 -11.46
C LEU A 295 4.31 -6.27 -10.15
N GLY A 296 4.01 -4.98 -10.26
CA GLY A 296 3.76 -4.14 -9.10
C GLY A 296 5.00 -3.47 -8.55
N ASP B 5 -11.51 -36.19 -12.76
CA ASP B 5 -12.40 -35.05 -12.59
C ASP B 5 -11.55 -33.77 -12.47
N ASP B 6 -10.23 -33.95 -12.39
CA ASP B 6 -9.29 -32.82 -12.34
C ASP B 6 -9.25 -32.00 -13.63
N ASP B 7 -9.46 -32.67 -14.75
CA ASP B 7 -9.52 -32.00 -16.04
C ASP B 7 -10.72 -31.04 -16.03
N LEU B 8 -11.70 -31.35 -15.20
CA LEU B 8 -12.90 -30.53 -15.04
C LEU B 8 -12.61 -29.31 -14.15
N PHE B 9 -11.79 -29.51 -13.10
CA PHE B 9 -11.37 -28.40 -12.24
C PHE B 9 -10.65 -27.39 -13.13
N GLU B 10 -9.71 -27.90 -13.90
CA GLU B 10 -8.91 -27.10 -14.82
C GLU B 10 -9.82 -26.36 -15.81
N GLU B 11 -10.71 -27.11 -16.46
CA GLU B 11 -11.62 -26.57 -17.46
C GLU B 11 -12.53 -25.43 -16.96
N LEU B 12 -13.34 -25.68 -15.93
CA LEU B 12 -14.20 -24.60 -15.41
C LEU B 12 -13.44 -23.41 -14.84
N GLU B 13 -12.31 -23.70 -14.20
CA GLU B 13 -11.46 -22.61 -13.74
C GLU B 13 -11.09 -21.70 -14.93
N GLU B 14 -10.57 -22.32 -16.00
CA GLU B 14 -10.26 -21.57 -17.22
C GLU B 14 -11.47 -20.78 -17.76
N GLN B 15 -12.64 -21.42 -17.83
CA GLN B 15 -13.84 -20.76 -18.31
C GLN B 15 -14.18 -19.51 -17.49
N LEU B 16 -14.12 -19.62 -16.16
CA LEU B 16 -14.35 -18.45 -15.30
C LEU B 16 -13.34 -17.33 -15.55
N LEU B 17 -12.05 -17.67 -15.57
CA LEU B 17 -11.01 -16.67 -15.75
C LEU B 17 -11.05 -15.93 -17.09
N ILE B 18 -11.28 -16.64 -18.19
CA ILE B 18 -11.34 -15.95 -19.49
C ILE B 18 -12.49 -14.96 -19.58
N ALA B 19 -13.48 -15.07 -18.70
CA ALA B 19 -14.57 -14.10 -18.67
C ALA B 19 -14.33 -12.91 -17.72
N ASP B 20 -13.13 -12.80 -17.19
CA ASP B 20 -12.74 -11.66 -16.36
C ASP B 20 -13.46 -11.61 -15.01
N VAL B 21 -13.80 -12.77 -14.46
CA VAL B 21 -14.50 -12.81 -13.17
C VAL B 21 -13.55 -12.51 -12.01
N GLY B 22 -12.27 -12.84 -12.19
CA GLY B 22 -11.28 -12.59 -11.16
C GLY B 22 -11.05 -13.81 -10.28
N VAL B 23 -9.89 -13.86 -9.63
CA VAL B 23 -9.47 -15.06 -8.91
C VAL B 23 -10.19 -15.28 -7.55
N GLU B 24 -10.37 -14.20 -6.79
CA GLU B 24 -11.04 -14.29 -5.51
C GLU B 24 -12.47 -14.76 -5.74
N THR B 25 -13.17 -14.06 -6.62
CA THR B 25 -14.56 -14.40 -6.91
C THR B 25 -14.66 -15.81 -7.49
N THR B 26 -13.62 -16.21 -8.22
CA THR B 26 -13.55 -17.55 -8.77
C THR B 26 -13.49 -18.59 -7.63
N ARG B 27 -12.65 -18.33 -6.64
CA ARG B 27 -12.52 -19.23 -5.49
C ARG B 27 -13.82 -19.30 -4.71
N LYS B 28 -14.48 -18.15 -4.49
CA LYS B 28 -15.74 -18.15 -3.75
C LYS B 28 -16.78 -19.02 -4.44
N ILE B 29 -17.01 -18.74 -5.73
CA ILE B 29 -18.03 -19.47 -6.46
C ILE B 29 -17.72 -20.97 -6.58
N ILE B 30 -16.47 -21.29 -6.89
CA ILE B 30 -16.06 -22.68 -7.07
C ILE B 30 -16.08 -23.47 -5.77
N THR B 31 -15.62 -22.85 -4.69
CA THR B 31 -15.63 -23.47 -3.37
C THR B 31 -17.07 -23.77 -2.97
N ASN B 32 -17.96 -22.80 -3.15
CA ASN B 32 -19.37 -23.07 -2.87
C ASN B 32 -19.92 -24.18 -3.77
N LEU B 33 -19.40 -24.26 -5.00
CA LEU B 33 -19.84 -25.27 -5.97
C LEU B 33 -19.39 -26.70 -5.62
N THR B 34 -18.21 -26.83 -5.02
CA THR B 34 -17.72 -28.14 -4.59
C THR B 34 -18.63 -28.66 -3.48
N GLU B 35 -19.03 -27.75 -2.60
CA GLU B 35 -19.88 -28.10 -1.48
C GLU B 35 -21.27 -28.46 -1.97
N GLY B 36 -21.77 -27.71 -2.95
CA GLY B 36 -23.11 -27.96 -3.47
C GLY B 36 -23.21 -29.23 -4.29
N ALA B 37 -22.22 -29.45 -5.15
CA ALA B 37 -22.15 -30.64 -5.99
C ALA B 37 -21.95 -31.93 -5.18
N SER B 38 -21.03 -31.89 -4.22
CA SER B 38 -20.81 -33.04 -3.36
C SER B 38 -22.04 -33.28 -2.49
N ARG B 39 -22.64 -32.19 -2.01
CA ARG B 39 -23.83 -32.25 -1.14
C ARG B 39 -24.97 -33.00 -1.83
N LYS B 40 -25.42 -32.46 -2.96
CA LYS B 40 -26.59 -32.98 -3.67
C LYS B 40 -26.22 -34.20 -4.54
N GLN B 41 -24.99 -34.68 -4.37
CA GLN B 41 -24.44 -35.82 -5.12
C GLN B 41 -24.72 -35.81 -6.63
N LEU B 42 -24.47 -34.68 -7.28
CA LEU B 42 -24.69 -34.54 -8.72
C LEU B 42 -23.75 -35.44 -9.52
N ARG B 43 -24.30 -36.16 -10.50
CA ARG B 43 -23.51 -37.05 -11.34
C ARG B 43 -23.47 -36.66 -12.83
N ASP B 44 -24.35 -35.75 -13.23
CA ASP B 44 -24.40 -35.33 -14.62
C ASP B 44 -24.03 -33.85 -14.83
N ALA B 45 -23.65 -33.54 -16.06
CA ALA B 45 -23.19 -32.20 -16.42
C ALA B 45 -24.28 -31.13 -16.31
N GLU B 46 -25.41 -31.36 -16.96
CA GLU B 46 -26.48 -30.36 -17.04
C GLU B 46 -26.92 -29.84 -15.67
N ALA B 47 -26.95 -30.72 -14.67
CA ALA B 47 -27.26 -30.34 -13.30
C ALA B 47 -26.19 -29.44 -12.70
N LEU B 48 -24.94 -29.67 -13.09
CA LEU B 48 -23.81 -28.86 -12.65
C LEU B 48 -23.91 -27.45 -13.21
N TYR B 49 -24.21 -27.38 -14.51
CA TYR B 49 -24.39 -26.10 -15.20
C TYR B 49 -25.49 -25.33 -14.47
N GLY B 50 -26.55 -26.07 -14.13
CA GLY B 50 -27.68 -25.50 -13.42
C GLY B 50 -27.29 -24.90 -12.09
N LEU B 51 -26.55 -25.66 -11.27
CA LEU B 51 -26.13 -25.17 -9.96
C LEU B 51 -25.20 -23.95 -10.06
N LEU B 52 -24.31 -23.98 -11.05
CA LEU B 52 -23.42 -22.85 -11.27
C LEU B 52 -24.27 -21.60 -11.52
N LYS B 53 -25.18 -21.70 -12.48
CA LYS B 53 -26.10 -20.61 -12.79
C LYS B 53 -26.89 -20.13 -11.56
N GLU B 54 -27.35 -21.08 -10.76
CA GLU B 54 -28.09 -20.77 -9.52
C GLU B 54 -27.31 -19.93 -8.53
N GLU B 55 -26.06 -20.33 -8.28
CA GLU B 55 -25.22 -19.61 -7.33
C GLU B 55 -24.86 -18.20 -7.83
N MET B 56 -24.55 -18.09 -9.11
CA MET B 56 -24.23 -16.77 -9.70
C MET B 56 -25.47 -15.89 -9.58
N GLY B 57 -26.61 -16.55 -9.82
CA GLY B 57 -27.93 -15.95 -9.71
C GLY B 57 -28.15 -15.35 -8.34
N GLU B 58 -27.64 -16.00 -7.29
CA GLU B 58 -27.70 -15.43 -5.95
C GLU B 58 -27.02 -14.06 -5.90
N ILE B 59 -25.79 -14.02 -6.41
CA ILE B 59 -24.99 -12.80 -6.40
C ILE B 59 -25.69 -11.67 -7.15
N LEU B 60 -26.28 -12.01 -8.30
CA LEU B 60 -26.93 -11.01 -9.13
C LEU B 60 -28.35 -10.64 -8.65
N ALA B 61 -28.93 -11.47 -7.78
CA ALA B 61 -30.28 -11.21 -7.28
C ALA B 61 -30.33 -10.04 -6.30
N LYS B 62 -29.18 -9.70 -5.73
CA LYS B 62 -29.08 -8.53 -4.86
C LYS B 62 -28.93 -7.22 -5.63
N VAL B 63 -28.87 -7.30 -6.95
CA VAL B 63 -28.57 -6.11 -7.74
C VAL B 63 -29.45 -5.99 -8.99
N ASP B 64 -30.65 -6.58 -8.94
CA ASP B 64 -31.49 -6.65 -10.13
C ASP B 64 -32.58 -5.58 -10.17
N GLU B 65 -32.59 -4.72 -9.15
CA GLU B 65 -33.61 -3.68 -9.03
C GLU B 65 -33.59 -2.72 -10.22
N PRO B 66 -34.69 -2.69 -10.99
CA PRO B 66 -34.77 -1.79 -12.15
C PRO B 66 -34.87 -0.34 -11.71
N LEU B 67 -34.59 0.57 -12.62
CA LEU B 67 -34.59 1.99 -12.29
C LEU B 67 -36.00 2.57 -12.40
N ASN B 68 -36.42 3.33 -11.40
CA ASN B 68 -37.70 4.00 -11.44
C ASN B 68 -37.46 5.51 -11.46
N VAL B 69 -37.98 6.20 -12.47
CA VAL B 69 -37.78 7.65 -12.58
C VAL B 69 -39.08 8.42 -12.32
N GLU B 70 -40.15 7.70 -12.05
CA GLU B 70 -41.44 8.32 -11.80
C GLU B 70 -41.38 9.05 -10.46
N GLY B 71 -42.12 10.13 -10.34
CA GLY B 71 -42.37 10.72 -9.04
C GLY B 71 -41.63 11.99 -8.67
N LYS B 72 -40.65 12.41 -9.47
CA LYS B 72 -39.93 13.62 -9.14
C LYS B 72 -39.86 14.57 -10.32
N ALA B 73 -39.60 15.85 -10.05
CA ALA B 73 -39.59 16.91 -11.07
C ALA B 73 -38.39 17.86 -11.00
N PRO B 74 -37.29 17.50 -11.65
CA PRO B 74 -37.19 16.23 -12.39
C PRO B 74 -36.54 15.14 -11.56
N PHE B 75 -36.62 13.90 -12.05
CA PHE B 75 -35.78 12.82 -11.56
C PHE B 75 -34.39 12.98 -12.18
N VAL B 76 -33.37 13.16 -11.35
CA VAL B 76 -32.02 13.44 -11.84
C VAL B 76 -31.12 12.23 -11.87
N ILE B 77 -30.66 11.87 -13.06
CA ILE B 77 -29.64 10.84 -13.21
C ILE B 77 -28.25 11.44 -13.51
N LEU B 78 -27.25 11.07 -12.73
CA LEU B 78 -25.89 11.57 -12.94
C LEU B 78 -24.99 10.46 -13.50
N MET B 79 -24.49 10.70 -14.71
CA MET B 79 -23.65 9.71 -15.40
C MET B 79 -22.17 9.93 -15.09
N VAL B 80 -21.56 8.92 -14.44
CA VAL B 80 -20.14 8.97 -14.11
C VAL B 80 -19.33 7.75 -14.55
N GLY B 81 -18.02 7.91 -14.59
CA GLY B 81 -17.14 6.80 -14.92
C GLY B 81 -15.89 7.21 -15.67
N VAL B 82 -15.12 6.23 -16.10
CA VAL B 82 -13.87 6.51 -16.76
C VAL B 82 -14.11 6.83 -18.23
N ASN B 83 -13.02 7.11 -18.94
CA ASN B 83 -13.04 7.60 -20.30
C ASN B 83 -13.44 6.64 -21.39
N GLY B 84 -14.36 7.09 -22.25
CA GLY B 84 -14.69 6.36 -23.45
C GLY B 84 -15.44 5.07 -23.20
N VAL B 85 -16.06 4.93 -22.03
CA VAL B 85 -16.84 3.72 -21.75
C VAL B 85 -18.25 3.75 -22.33
N GLY B 86 -18.76 4.91 -22.69
CA GLY B 86 -20.05 4.97 -23.34
C GLY B 86 -21.14 5.68 -22.56
N LYS B 87 -20.75 6.58 -21.66
CA LYS B 87 -21.71 7.29 -20.83
C LYS B 87 -22.64 8.11 -21.71
N THR B 88 -22.06 8.89 -22.61
CA THR B 88 -22.83 9.75 -23.50
C THR B 88 -23.76 8.94 -24.43
N THR B 89 -23.22 7.86 -24.97
CA THR B 89 -24.01 7.01 -25.85
C THR B 89 -25.20 6.43 -25.06
N THR B 90 -24.93 6.04 -23.83
CA THR B 90 -25.95 5.44 -22.99
C THR B 90 -27.04 6.47 -22.68
N ILE B 91 -26.67 7.70 -22.35
CA ILE B 91 -27.64 8.77 -22.17
C ILE B 91 -28.56 8.92 -23.37
N GLY B 92 -27.94 8.89 -24.56
CA GLY B 92 -28.67 8.95 -25.80
C GLY B 92 -29.72 7.85 -25.84
N LYS B 93 -29.35 6.66 -25.39
CA LYS B 93 -30.30 5.56 -25.40
C LYS B 93 -31.46 5.75 -24.38
N LEU B 94 -31.05 6.16 -23.19
CA LEU B 94 -31.94 6.40 -22.07
C LEU B 94 -33.05 7.36 -22.46
N ALA B 95 -32.69 8.45 -23.15
CA ALA B 95 -33.69 9.42 -23.60
C ALA B 95 -34.79 8.77 -24.44
N ARG B 96 -34.44 8.06 -25.51
CA ARG B 96 -35.47 7.44 -26.33
C ARG B 96 -36.35 6.51 -25.50
N GLN B 97 -35.72 5.74 -24.60
CA GLN B 97 -36.50 4.93 -23.68
C GLN B 97 -37.55 5.72 -22.86
N PHE B 98 -37.08 6.74 -22.14
CA PHE B 98 -37.97 7.54 -21.27
C PHE B 98 -39.08 8.27 -22.06
N GLU B 99 -38.73 8.75 -23.25
CA GLU B 99 -39.67 9.34 -24.19
C GLU B 99 -40.70 8.31 -24.59
N GLN B 100 -40.27 7.05 -24.69
CA GLN B 100 -41.21 5.96 -24.95
C GLN B 100 -42.25 5.71 -23.81
N GLN B 101 -41.90 6.02 -22.56
CA GLN B 101 -42.83 5.88 -21.44
C GLN B 101 -43.49 7.20 -21.05
N GLY B 102 -43.67 8.10 -22.01
CA GLY B 102 -44.33 9.37 -21.75
C GLY B 102 -43.70 10.25 -20.68
N LYS B 103 -42.37 10.27 -20.63
CA LYS B 103 -41.63 11.15 -19.73
C LYS B 103 -40.92 12.23 -20.53
N SER B 104 -41.08 13.49 -20.15
CA SER B 104 -40.37 14.55 -20.86
C SER B 104 -38.92 14.62 -20.35
N VAL B 105 -37.97 14.44 -21.26
CA VAL B 105 -36.58 14.33 -20.81
C VAL B 105 -35.77 15.54 -21.20
N MET B 106 -34.88 15.94 -20.31
CA MET B 106 -33.96 16.99 -20.63
C MET B 106 -32.52 16.48 -20.42
N LEU B 107 -31.59 17.00 -21.21
CA LEU B 107 -30.19 16.60 -21.10
C LEU B 107 -29.32 17.74 -20.65
N ALA B 108 -28.39 17.44 -19.75
CA ALA B 108 -27.35 18.39 -19.38
C ALA B 108 -26.02 17.97 -19.99
N ALA B 109 -25.40 18.92 -20.71
CA ALA B 109 -24.10 18.69 -21.32
C ALA B 109 -23.01 19.04 -20.34
N GLY B 110 -22.85 18.16 -19.36
CA GLY B 110 -21.95 18.42 -18.26
C GLY B 110 -20.50 18.09 -18.52
N ASP B 111 -20.21 17.40 -19.61
CA ASP B 111 -18.82 17.23 -20.07
C ASP B 111 -18.38 18.51 -20.75
N THR B 112 -17.76 19.38 -19.98
CA THR B 112 -17.30 20.64 -20.50
C THR B 112 -15.78 20.61 -20.74
N PHE B 113 -15.20 19.41 -20.74
CA PHE B 113 -13.79 19.25 -20.91
C PHE B 113 -13.41 18.65 -22.26
N ARG B 114 -13.88 17.44 -22.52
CA ARG B 114 -13.41 16.74 -23.71
C ARG B 114 -13.86 17.40 -24.99
N ALA B 115 -12.96 17.40 -25.96
CA ALA B 115 -13.24 18.01 -27.26
C ALA B 115 -14.51 17.47 -27.90
N ALA B 116 -15.36 18.40 -28.34
CA ALA B 116 -16.61 18.07 -29.04
C ALA B 116 -17.69 17.30 -28.23
N ALA B 117 -17.54 17.26 -26.90
CA ALA B 117 -18.45 16.54 -26.04
C ALA B 117 -19.88 17.05 -26.17
N VAL B 118 -20.00 18.38 -26.14
CA VAL B 118 -21.29 19.07 -26.20
C VAL B 118 -22.00 18.82 -27.52
N GLU B 119 -21.33 19.04 -28.63
CA GLU B 119 -21.87 18.71 -29.95
C GLU B 119 -22.33 17.25 -30.04
N GLN B 120 -21.59 16.35 -29.39
CA GLN B 120 -21.96 14.94 -29.39
C GLN B 120 -23.32 14.78 -28.69
N LEU B 121 -23.41 15.39 -27.51
CA LEU B 121 -24.64 15.28 -26.75
C LEU B 121 -25.79 15.89 -27.54
N GLN B 122 -25.53 17.02 -28.16
CA GLN B 122 -26.50 17.75 -28.95
C GLN B 122 -27.02 16.90 -30.09
N VAL B 123 -26.15 16.09 -30.70
CA VAL B 123 -26.61 15.15 -31.72
C VAL B 123 -27.59 14.17 -31.05
N TRP B 124 -27.29 13.74 -29.83
CA TRP B 124 -28.26 12.85 -29.17
C TRP B 124 -29.60 13.54 -28.83
N GLY B 125 -29.54 14.86 -28.57
CA GLY B 125 -30.70 15.68 -28.29
C GLY B 125 -31.55 15.91 -29.51
N GLN B 126 -30.90 16.15 -30.65
CA GLN B 126 -31.61 16.30 -31.91
C GLN B 126 -32.22 14.97 -32.33
N ARG B 127 -31.50 13.88 -32.10
CA ARG B 127 -32.03 12.56 -32.41
C ARG B 127 -33.26 12.23 -31.55
N ASN B 128 -33.27 12.75 -30.33
CA ASN B 128 -34.37 12.49 -29.40
C ASN B 128 -35.46 13.56 -29.40
N ASN B 129 -35.24 14.61 -30.19
CA ASN B 129 -36.10 15.78 -30.24
C ASN B 129 -36.50 16.31 -28.85
N ILE B 130 -35.49 16.51 -28.01
CA ILE B 130 -35.65 16.95 -26.63
C ILE B 130 -34.63 18.05 -26.32
N PRO B 131 -34.90 18.86 -25.28
CA PRO B 131 -33.94 19.95 -25.10
C PRO B 131 -32.62 19.49 -24.51
N VAL B 132 -31.53 20.15 -24.90
CA VAL B 132 -30.21 19.90 -24.33
C VAL B 132 -29.68 21.18 -23.73
N ILE B 133 -29.41 21.19 -22.44
CA ILE B 133 -28.84 22.42 -21.90
C ILE B 133 -27.32 22.33 -21.82
N ALA B 134 -26.70 23.34 -22.40
CA ALA B 134 -25.29 23.32 -22.64
C ALA B 134 -24.77 24.73 -22.62
N GLN B 135 -23.49 24.87 -22.34
CA GLN B 135 -22.84 26.14 -22.56
C GLN B 135 -21.75 25.80 -23.59
N HIS B 136 -20.50 25.73 -23.18
CA HIS B 136 -19.43 25.40 -24.10
C HIS B 136 -18.36 24.57 -23.38
N THR B 137 -17.47 23.96 -24.16
CA THR B 137 -16.29 23.35 -23.56
C THR B 137 -15.49 24.48 -22.89
N GLY B 138 -15.05 24.26 -21.66
CA GLY B 138 -14.42 25.30 -20.88
C GLY B 138 -15.28 25.80 -19.71
N ALA B 139 -16.60 25.76 -19.89
CA ALA B 139 -17.55 26.14 -18.86
C ALA B 139 -17.41 25.29 -17.60
N ASP B 140 -17.99 25.76 -16.50
CA ASP B 140 -18.04 24.98 -15.25
C ASP B 140 -19.12 23.88 -15.31
N SER B 141 -18.68 22.63 -15.23
CA SER B 141 -19.59 21.50 -15.31
C SER B 141 -20.71 21.59 -14.28
N ALA B 142 -20.31 21.85 -13.04
CA ALA B 142 -21.25 21.90 -11.94
C ALA B 142 -22.35 22.92 -12.18
N SER B 143 -21.97 24.08 -12.70
CA SER B 143 -22.93 25.13 -12.90
C SER B 143 -23.79 24.82 -14.13
N VAL B 144 -23.21 24.17 -15.12
CA VAL B 144 -24.01 23.73 -16.28
C VAL B 144 -25.11 22.78 -15.85
N ILE B 145 -24.76 21.79 -15.03
CA ILE B 145 -25.76 20.85 -14.54
C ILE B 145 -26.78 21.49 -13.60
N PHE B 146 -26.34 22.41 -12.76
CA PHE B 146 -27.24 23.10 -11.85
C PHE B 146 -28.27 23.89 -12.66
N ASP B 147 -27.78 24.75 -13.55
CA ASP B 147 -28.62 25.51 -14.46
C ASP B 147 -29.56 24.58 -15.17
N ALA B 148 -29.08 23.38 -15.52
CA ALA B 148 -29.95 22.43 -16.18
C ALA B 148 -31.09 22.08 -15.26
N ILE B 149 -30.77 21.73 -14.02
CA ILE B 149 -31.79 21.26 -13.09
C ILE B 149 -32.83 22.31 -12.76
N GLN B 150 -32.37 23.55 -12.58
CA GLN B 150 -33.29 24.66 -12.39
C GLN B 150 -34.21 24.77 -13.59
N ALA B 151 -33.63 24.76 -14.79
CA ALA B 151 -34.43 24.87 -16.00
C ALA B 151 -35.46 23.75 -16.13
N ALA B 152 -35.13 22.56 -15.64
CA ALA B 152 -36.04 21.42 -15.69
C ALA B 152 -37.18 21.60 -14.69
N LYS B 153 -36.87 22.17 -13.51
CA LYS B 153 -37.95 22.47 -12.56
C LYS B 153 -38.92 23.49 -13.16
N ALA B 154 -38.34 24.56 -13.73
CA ALA B 154 -39.12 25.62 -14.37
C ALA B 154 -39.99 25.13 -15.51
N ARG B 155 -39.47 24.19 -16.30
CA ARG B 155 -40.19 23.73 -17.48
C ARG B 155 -40.95 22.43 -17.18
N ASN B 156 -41.17 22.15 -15.89
CA ASN B 156 -41.79 20.90 -15.45
C ASN B 156 -41.34 19.67 -16.26
N ILE B 157 -40.03 19.53 -16.41
CA ILE B 157 -39.42 18.38 -17.08
C ILE B 157 -39.45 17.18 -16.13
N ASP B 158 -39.67 15.98 -16.67
CA ASP B 158 -39.83 14.78 -15.85
C ASP B 158 -38.56 14.06 -15.47
N VAL B 159 -37.63 13.93 -16.42
CA VAL B 159 -36.30 13.33 -16.19
C VAL B 159 -35.18 14.19 -16.77
N LEU B 160 -34.21 14.55 -15.94
CA LEU B 160 -33.03 15.26 -16.42
C LEU B 160 -31.77 14.38 -16.32
N ILE B 161 -31.22 14.00 -17.45
CA ILE B 161 -29.98 13.22 -17.46
C ILE B 161 -28.75 14.09 -17.68
N ALA B 162 -27.88 14.10 -16.67
CA ALA B 162 -26.66 14.89 -16.74
C ALA B 162 -25.43 14.03 -17.11
N ASP B 163 -24.82 14.37 -18.24
CA ASP B 163 -23.55 13.79 -18.66
C ASP B 163 -22.42 14.38 -17.81
N THR B 164 -21.40 13.59 -17.50
CA THR B 164 -20.18 14.20 -16.97
C THR B 164 -19.02 13.83 -17.87
N ALA B 165 -17.91 14.54 -17.69
CA ALA B 165 -16.66 14.14 -18.34
C ALA B 165 -16.12 12.86 -17.73
N GLY B 166 -15.76 11.92 -18.59
CA GLY B 166 -15.03 10.74 -18.14
C GLY B 166 -13.74 11.11 -17.40
N ARG B 167 -13.41 10.35 -16.36
CA ARG B 167 -12.25 10.68 -15.56
C ARG B 167 -11.69 9.39 -14.99
N LEU B 168 -10.37 9.30 -14.84
CA LEU B 168 -9.80 8.12 -14.19
C LEU B 168 -9.86 8.30 -12.67
N GLN B 169 -10.22 7.24 -11.98
CA GLN B 169 -10.53 7.32 -10.56
C GLN B 169 -9.35 7.64 -9.64
N ASN B 170 -8.12 7.39 -10.12
CA ASN B 170 -6.92 7.74 -9.34
C ASN B 170 -6.55 9.23 -9.39
N LYS B 171 -7.22 9.99 -10.26
CA LYS B 171 -7.05 11.45 -10.31
C LYS B 171 -7.93 12.10 -9.25
N SER B 172 -7.42 12.15 -8.03
CA SER B 172 -8.18 12.63 -6.88
C SER B 172 -8.91 13.99 -7.09
N HIS B 173 -8.26 14.92 -7.79
CA HIS B 173 -8.77 16.26 -7.97
C HIS B 173 -10.04 16.28 -8.86
N LEU B 174 -10.05 15.40 -9.86
CA LEU B 174 -11.23 15.23 -10.70
C LEU B 174 -12.42 14.61 -9.91
N MET B 175 -12.14 13.71 -8.97
CA MET B 175 -13.17 13.22 -8.06
C MET B 175 -13.71 14.34 -7.18
N GLU B 176 -12.83 15.21 -6.65
CA GLU B 176 -13.31 16.36 -5.88
C GLU B 176 -14.26 17.20 -6.72
N GLU B 177 -13.94 17.31 -8.00
CA GLU B 177 -14.77 18.05 -8.95
C GLU B 177 -16.13 17.42 -9.05
N LEU B 178 -16.11 16.09 -9.14
CA LEU B 178 -17.35 15.31 -9.13
C LEU B 178 -18.22 15.59 -7.87
N LYS B 179 -17.58 15.56 -6.72
CA LYS B 179 -18.22 15.86 -5.46
C LYS B 179 -18.86 17.25 -5.45
N LYS B 180 -18.21 18.23 -6.06
CA LYS B 180 -18.81 19.56 -6.17
C LYS B 180 -20.09 19.49 -7.00
N ILE B 181 -20.04 18.76 -8.13
CA ILE B 181 -21.23 18.63 -8.96
C ILE B 181 -22.45 18.15 -8.12
N VAL B 182 -22.25 17.06 -7.37
CA VAL B 182 -23.30 16.56 -6.45
C VAL B 182 -23.74 17.58 -5.35
N ARG B 183 -22.75 18.09 -4.64
CA ARG B 183 -22.96 19.04 -3.55
C ARG B 183 -23.81 20.24 -3.97
N VAL B 184 -23.50 20.75 -5.15
CA VAL B 184 -24.13 21.92 -5.73
C VAL B 184 -25.57 21.59 -6.11
N MET B 185 -25.81 20.38 -6.63
CA MET B 185 -27.18 19.93 -6.83
C MET B 185 -28.02 19.98 -5.56
N LYS B 186 -27.45 19.60 -4.42
CA LYS B 186 -28.26 19.53 -3.18
C LYS B 186 -29.07 20.81 -2.86
N LYS B 187 -28.62 21.96 -3.36
CA LYS B 187 -29.30 23.24 -3.12
C LYS B 187 -30.67 23.33 -3.79
N LEU B 188 -31.00 22.39 -4.68
CA LEU B 188 -32.29 22.46 -5.36
C LEU B 188 -33.15 21.26 -4.93
N ASP B 189 -32.49 20.18 -4.55
CA ASP B 189 -33.19 18.94 -4.22
C ASP B 189 -32.27 18.04 -3.40
N VAL B 190 -32.61 17.87 -2.14
CA VAL B 190 -31.75 17.16 -1.21
C VAL B 190 -31.47 15.70 -1.62
N GLU B 191 -32.37 15.09 -2.38
CA GLU B 191 -32.28 13.66 -2.62
C GLU B 191 -31.75 13.39 -3.99
N ALA B 192 -31.45 14.49 -4.69
CA ALA B 192 -30.80 14.45 -6.00
C ALA B 192 -29.27 14.56 -5.83
N PRO B 193 -28.50 13.84 -6.67
CA PRO B 193 -28.91 12.96 -7.76
C PRO B 193 -29.66 11.72 -7.31
N HIS B 194 -30.79 11.46 -7.95
CA HIS B 194 -31.67 10.38 -7.53
C HIS B 194 -31.09 9.07 -8.02
N GLU B 195 -30.24 9.18 -9.04
CA GLU B 195 -29.56 8.00 -9.54
C GLU B 195 -28.17 8.39 -9.97
N VAL B 196 -27.16 7.86 -9.28
CA VAL B 196 -25.77 7.99 -9.74
C VAL B 196 -25.31 6.73 -10.43
N MET B 197 -25.18 6.82 -11.75
CA MET B 197 -24.94 5.67 -12.61
C MET B 197 -23.48 5.56 -13.02
N LEU B 198 -22.83 4.50 -12.58
CA LEU B 198 -21.48 4.21 -13.02
C LEU B 198 -21.62 3.55 -14.37
N THR B 199 -20.75 3.88 -15.31
CA THR B 199 -20.78 3.14 -16.56
C THR B 199 -19.49 2.33 -16.70
N ILE B 200 -19.63 1.04 -16.92
CA ILE B 200 -18.47 0.18 -17.03
C ILE B 200 -18.45 -0.42 -18.39
N ASP B 201 -17.31 -0.29 -19.07
CA ASP B 201 -17.05 -0.91 -20.35
C ASP B 201 -16.89 -2.37 -20.04
N ALA B 202 -17.53 -3.23 -20.85
CA ALA B 202 -17.48 -4.67 -20.61
C ALA B 202 -16.11 -5.27 -20.91
N SER B 203 -15.27 -4.54 -21.66
CA SER B 203 -13.93 -5.03 -21.98
C SER B 203 -13.04 -5.02 -20.75
N THR B 204 -13.47 -4.25 -19.77
CA THR B 204 -12.63 -3.99 -18.61
C THR B 204 -12.40 -5.23 -17.75
N GLY B 205 -11.18 -5.36 -17.23
CA GLY B 205 -10.90 -6.39 -16.28
C GLY B 205 -10.95 -5.82 -14.87
N GLN B 206 -10.02 -6.27 -14.02
CA GLN B 206 -10.12 -6.08 -12.58
C GLN B 206 -10.10 -4.61 -12.13
N ASN B 207 -9.63 -3.72 -13.01
CA ASN B 207 -9.61 -2.32 -12.66
C ASN B 207 -11.01 -1.77 -12.37
N ALA B 208 -12.01 -2.42 -12.96
CA ALA B 208 -13.41 -2.07 -12.71
C ALA B 208 -13.68 -2.07 -11.22
N VAL B 209 -13.06 -3.01 -10.53
CA VAL B 209 -13.22 -3.09 -9.09
C VAL B 209 -12.81 -1.76 -8.50
N SER B 210 -11.58 -1.36 -8.78
CA SER B 210 -11.08 -0.07 -8.30
C SER B 210 -12.01 1.06 -8.69
N GLN B 211 -12.46 1.04 -9.94
CA GLN B 211 -13.37 2.08 -10.40
C GLN B 211 -14.59 2.14 -9.51
N ALA B 212 -15.27 1.00 -9.40
CA ALA B 212 -16.51 0.94 -8.64
C ALA B 212 -16.23 1.41 -7.23
N LYS B 213 -15.04 1.08 -6.73
CA LYS B 213 -14.70 1.43 -5.38
C LYS B 213 -14.62 2.95 -5.29
N LEU B 214 -13.77 3.55 -6.11
CA LEU B 214 -13.43 4.93 -5.86
C LEU B 214 -14.59 5.88 -6.12
N PHE B 215 -15.25 5.72 -7.26
CA PHE B 215 -16.47 6.47 -7.54
C PHE B 215 -17.47 6.30 -6.40
N HIS B 216 -17.62 5.07 -5.93
CA HIS B 216 -18.57 4.83 -4.85
C HIS B 216 -18.20 5.71 -3.67
N GLU B 217 -16.93 5.66 -3.26
CA GLU B 217 -16.53 6.38 -2.07
C GLU B 217 -16.70 7.86 -2.26
N ALA B 218 -16.65 8.29 -3.52
CA ALA B 218 -16.72 9.71 -3.81
C ALA B 218 -18.15 10.19 -3.77
N VAL B 219 -19.06 9.36 -4.27
CA VAL B 219 -20.32 9.90 -4.72
C VAL B 219 -21.56 9.06 -4.33
N GLY B 220 -21.31 7.81 -3.98
CA GLY B 220 -22.36 6.89 -3.60
C GLY B 220 -23.01 6.51 -4.91
N LEU B 221 -22.70 5.32 -5.39
CA LEU B 221 -23.28 4.83 -6.63
C LEU B 221 -24.61 4.17 -6.30
N THR B 222 -25.61 4.40 -7.16
CA THR B 222 -26.93 3.81 -6.98
C THR B 222 -27.32 2.90 -8.13
N GLY B 223 -26.50 2.90 -9.18
CA GLY B 223 -26.74 2.05 -10.32
C GLY B 223 -25.52 1.93 -11.24
N ILE B 224 -25.50 0.83 -11.99
CA ILE B 224 -24.44 0.54 -12.93
C ILE B 224 -25.03 0.28 -14.30
N THR B 225 -24.33 0.68 -15.35
CA THR B 225 -24.72 0.27 -16.69
C THR B 225 -23.53 -0.42 -17.32
N LEU B 226 -23.78 -1.57 -17.93
CA LEU B 226 -22.71 -2.35 -18.54
C LEU B 226 -22.78 -2.19 -20.04
N THR B 227 -21.74 -1.60 -20.63
CA THR B 227 -21.81 -1.30 -22.05
C THR B 227 -20.97 -2.26 -22.87
N LYS B 228 -21.14 -2.20 -24.18
CA LYS B 228 -20.33 -2.95 -25.13
C LYS B 228 -20.40 -4.43 -24.84
N LEU B 229 -21.61 -4.92 -24.62
CA LEU B 229 -21.78 -6.34 -24.47
C LEU B 229 -22.09 -6.95 -25.83
N ASP B 230 -22.07 -6.11 -26.87
CA ASP B 230 -22.34 -6.57 -28.23
C ASP B 230 -21.08 -7.15 -28.89
N GLY B 231 -20.00 -7.24 -28.14
CA GLY B 231 -18.78 -7.86 -28.64
C GLY B 231 -18.65 -9.28 -28.11
N THR B 232 -17.44 -9.69 -27.77
CA THR B 232 -17.19 -11.03 -27.23
C THR B 232 -16.99 -10.93 -25.73
N ALA B 233 -16.88 -9.72 -25.22
CA ALA B 233 -16.60 -9.54 -23.81
C ALA B 233 -17.82 -9.89 -23.00
N LYS B 234 -17.64 -10.66 -21.93
CA LYS B 234 -18.77 -11.07 -21.12
C LYS B 234 -18.98 -10.18 -19.91
N GLY B 235 -17.96 -9.46 -19.48
CA GLY B 235 -18.13 -8.52 -18.39
C GLY B 235 -18.30 -9.16 -17.02
N GLY B 236 -17.56 -10.24 -16.77
CA GLY B 236 -17.71 -11.00 -15.56
C GLY B 236 -17.25 -10.30 -14.29
N VAL B 237 -16.44 -9.26 -14.45
CA VAL B 237 -15.86 -8.56 -13.32
C VAL B 237 -16.97 -8.05 -12.39
N ILE B 238 -18.13 -7.84 -12.98
CA ILE B 238 -19.30 -7.36 -12.29
C ILE B 238 -19.64 -8.19 -11.05
N PHE B 239 -19.41 -9.50 -11.13
CA PHE B 239 -19.68 -10.33 -9.97
C PHE B 239 -18.87 -9.83 -8.78
N SER B 240 -17.57 -9.66 -8.97
CA SER B 240 -16.71 -9.12 -7.91
C SER B 240 -17.32 -7.84 -7.35
N VAL B 241 -17.72 -6.93 -8.24
CA VAL B 241 -18.18 -5.63 -7.78
C VAL B 241 -19.49 -5.80 -7.01
N ALA B 242 -20.37 -6.67 -7.51
CA ALA B 242 -21.63 -6.92 -6.83
C ALA B 242 -21.34 -7.50 -5.45
N ASP B 243 -20.31 -8.33 -5.38
CA ASP B 243 -19.99 -9.01 -4.15
C ASP B 243 -19.60 -7.95 -3.13
N GLN B 244 -18.91 -6.92 -3.60
CA GLN B 244 -18.29 -5.97 -2.68
C GLN B 244 -19.10 -4.71 -2.37
N PHE B 245 -19.92 -4.30 -3.32
CA PHE B 245 -20.62 -3.02 -3.19
C PHE B 245 -22.16 -3.08 -3.37
N GLY B 246 -22.66 -4.16 -3.94
CA GLY B 246 -24.09 -4.36 -4.10
C GLY B 246 -24.80 -3.25 -4.86
N ILE B 247 -24.24 -2.84 -6.00
CA ILE B 247 -24.82 -1.76 -6.79
C ILE B 247 -25.77 -2.29 -7.87
N PRO B 248 -27.04 -1.83 -7.86
CA PRO B 248 -28.02 -2.28 -8.86
C PRO B 248 -27.52 -2.10 -10.30
N ILE B 249 -27.66 -3.14 -11.11
CA ILE B 249 -27.28 -3.09 -12.50
C ILE B 249 -28.51 -2.76 -13.33
N ARG B 250 -28.57 -1.53 -13.81
CA ARG B 250 -29.74 -0.98 -14.47
C ARG B 250 -29.94 -1.41 -15.93
N TYR B 251 -28.91 -1.27 -16.75
CA TYR B 251 -29.07 -1.62 -18.16
C TYR B 251 -27.86 -2.33 -18.73
N ILE B 252 -27.97 -2.74 -19.99
CA ILE B 252 -26.84 -3.20 -20.77
C ILE B 252 -26.82 -2.52 -22.13
N GLY B 253 -25.60 -2.14 -22.53
CA GLY B 253 -25.33 -1.61 -23.84
C GLY B 253 -25.00 -2.74 -24.78
N VAL B 254 -25.65 -2.73 -25.95
CA VAL B 254 -25.51 -3.76 -26.95
C VAL B 254 -25.36 -3.22 -28.38
N GLY B 255 -24.72 -2.07 -28.53
CA GLY B 255 -24.47 -1.53 -29.85
C GLY B 255 -24.40 -0.03 -29.83
N GLU B 256 -24.42 0.60 -31.00
CA GLU B 256 -24.30 2.06 -31.07
C GLU B 256 -25.55 2.80 -31.55
N ARG B 257 -26.54 2.06 -32.06
CA ARG B 257 -27.80 2.70 -32.46
C ARG B 257 -28.65 3.04 -31.24
N ILE B 258 -29.49 4.04 -31.39
CA ILE B 258 -30.31 4.60 -30.31
C ILE B 258 -31.22 3.59 -29.65
N GLU B 259 -31.40 2.42 -30.26
CA GLU B 259 -32.30 1.40 -29.73
C GLU B 259 -31.53 0.31 -28.97
N ASP B 260 -30.21 0.40 -28.95
CA ASP B 260 -29.38 -0.70 -28.45
C ASP B 260 -29.08 -0.60 -26.98
N LEU B 261 -30.14 -0.47 -26.20
CA LEU B 261 -30.04 -0.48 -24.76
C LEU B 261 -31.13 -1.41 -24.25
N ARG B 262 -30.78 -2.32 -23.35
CA ARG B 262 -31.77 -3.24 -22.85
C ARG B 262 -31.78 -3.17 -21.35
N PRO B 263 -32.97 -3.19 -20.75
CA PRO B 263 -33.03 -3.34 -19.30
C PRO B 263 -32.28 -4.60 -18.90
N PHE B 264 -31.57 -4.52 -17.79
CA PHE B 264 -30.75 -5.63 -17.34
C PHE B 264 -31.61 -6.76 -16.85
N LYS B 265 -31.45 -7.92 -17.45
CA LYS B 265 -32.14 -9.10 -16.94
C LYS B 265 -31.09 -10.16 -16.61
N ALA B 266 -30.97 -10.51 -15.34
CA ALA B 266 -29.96 -11.45 -14.86
C ALA B 266 -29.90 -12.75 -15.67
N ASP B 267 -31.07 -13.31 -16.01
CA ASP B 267 -31.13 -14.60 -16.73
C ASP B 267 -30.55 -14.52 -18.15
N ASP B 268 -30.85 -13.44 -18.87
CA ASP B 268 -30.27 -13.20 -20.20
C ASP B 268 -28.75 -13.04 -20.09
N PHE B 269 -28.32 -12.35 -19.04
CA PHE B 269 -26.91 -12.12 -18.77
C PHE B 269 -26.20 -13.47 -18.55
N ILE B 270 -26.87 -14.35 -17.81
CA ILE B 270 -26.36 -15.70 -17.59
C ILE B 270 -26.27 -16.45 -18.92
N GLU B 271 -27.29 -16.26 -19.75
CA GLU B 271 -27.37 -16.92 -21.05
C GLU B 271 -26.18 -16.51 -21.92
N ALA B 272 -25.93 -15.21 -21.96
CA ALA B 272 -24.87 -14.68 -22.78
C ALA B 272 -23.52 -15.19 -22.28
N LEU B 273 -23.35 -15.17 -20.96
CA LEU B 273 -22.04 -15.44 -20.36
C LEU B 273 -21.44 -16.78 -20.79
N PHE B 274 -22.28 -17.77 -20.97
CA PHE B 274 -21.76 -19.09 -21.26
C PHE B 274 -21.48 -19.43 -22.73
N ALA B 275 -22.40 -19.08 -23.63
CA ALA B 275 -22.25 -19.44 -25.04
C ALA B 275 -20.98 -18.88 -25.69
N PHE C 2 -1.77 -16.03 11.04
CA PHE C 2 -3.06 -16.68 11.19
C PHE C 2 -3.32 -17.66 10.07
N ASP C 3 -2.76 -17.36 8.91
CA ASP C 3 -2.58 -18.39 7.90
C ASP C 3 -1.79 -19.40 8.70
N ASN C 4 -0.56 -19.02 9.03
CA ASN C 4 0.33 -19.86 9.80
C ASN C 4 -0.25 -20.28 11.16
N LEU C 5 -0.97 -19.43 11.87
CA LEU C 5 -1.47 -19.86 13.18
C LEU C 5 -2.49 -20.99 13.11
N THR C 6 -3.67 -20.74 12.55
CA THR C 6 -4.66 -21.80 12.38
C THR C 6 -4.11 -23.01 11.64
N ASP C 7 -3.24 -22.78 10.66
CA ASP C 7 -2.72 -23.92 9.92
C ASP C 7 -1.79 -24.75 10.81
N ARG C 8 -1.06 -24.07 11.70
CA ARG C 8 -0.18 -24.75 12.64
C ARG C 8 -0.97 -25.53 13.67
N LEU C 9 -1.93 -24.88 14.32
CA LEU C 9 -2.76 -25.55 15.31
C LEU C 9 -3.56 -26.71 14.72
N SER C 10 -4.14 -26.48 13.54
CA SER C 10 -4.82 -27.54 12.80
C SER C 10 -3.86 -28.68 12.52
N ARG C 11 -2.61 -28.34 12.19
CA ARG C 11 -1.61 -29.38 11.95
C ARG C 11 -1.46 -30.21 13.22
N THR C 12 -1.10 -29.57 14.33
CA THR C 12 -0.87 -30.28 15.60
C THR C 12 -2.06 -31.15 16.02
N LEU C 13 -3.25 -30.59 15.91
CA LEU C 13 -4.48 -31.31 16.26
C LEU C 13 -4.81 -32.48 15.34
N ARG C 14 -4.39 -32.39 14.08
CA ARG C 14 -4.44 -33.53 13.16
C ARG C 14 -3.37 -34.56 13.48
N ASN C 15 -2.24 -34.11 14.05
CA ASN C 15 -1.11 -35.02 14.25
C ASN C 15 -1.43 -36.03 15.33
N ILE C 16 -1.79 -35.50 16.49
CA ILE C 16 -2.25 -36.28 17.62
C ILE C 16 -3.77 -36.20 17.64
N SER C 17 -4.42 -36.96 16.77
CA SER C 17 -5.87 -36.84 16.63
C SER C 17 -6.62 -37.84 17.49
N GLY C 18 -7.82 -37.44 17.89
CA GLY C 18 -8.72 -38.29 18.67
C GLY C 18 -10.15 -38.00 18.26
N ARG C 19 -11.09 -38.64 18.95
CA ARG C 19 -12.50 -38.43 18.67
C ARG C 19 -13.18 -37.96 19.96
N GLY C 20 -13.98 -36.91 19.84
CA GLY C 20 -14.76 -36.42 20.96
C GLY C 20 -13.90 -35.49 21.81
N ARG C 21 -13.65 -35.87 23.05
CA ARG C 21 -12.98 -34.97 23.99
C ARG C 21 -11.50 -34.75 23.66
N LEU C 22 -10.99 -33.56 23.98
CA LEU C 22 -9.58 -33.23 23.81
C LEU C 22 -8.75 -33.83 24.94
N THR C 23 -7.65 -34.47 24.59
CA THR C 23 -6.83 -35.14 25.58
C THR C 23 -5.46 -34.52 25.57
N GLU C 24 -4.85 -34.44 26.75
CA GLU C 24 -3.61 -33.70 26.94
C GLU C 24 -2.53 -34.08 25.92
N ASP C 25 -2.52 -35.34 25.50
CA ASP C 25 -1.52 -35.78 24.55
C ASP C 25 -1.79 -35.17 23.18
N ASN C 26 -3.01 -34.72 22.94
CA ASN C 26 -3.29 -33.96 21.72
C ASN C 26 -2.80 -32.53 21.91
N VAL C 27 -2.87 -32.06 23.14
CA VAL C 27 -2.63 -30.68 23.49
C VAL C 27 -1.14 -30.33 23.54
N LYS C 28 -0.27 -31.32 23.73
CA LYS C 28 1.17 -31.09 23.84
C LYS C 28 1.77 -30.18 22.77
N ASP C 29 1.72 -30.72 21.56
CA ASP C 29 2.31 -30.11 20.38
C ASP C 29 1.66 -28.76 20.08
N THR C 30 0.35 -28.73 20.26
CA THR C 30 -0.47 -27.56 19.98
C THR C 30 0.03 -26.40 20.82
N LEU C 31 0.19 -26.68 22.10
CA LEU C 31 0.65 -25.69 23.04
C LEU C 31 2.06 -25.24 22.74
N ARG C 32 2.93 -26.17 22.32
CA ARG C 32 4.23 -25.73 21.86
C ARG C 32 4.07 -24.68 20.78
N GLU C 33 3.16 -24.93 19.83
CA GLU C 33 2.98 -23.99 18.74
C GLU C 33 2.51 -22.62 19.22
N VAL C 34 1.49 -22.61 20.09
CA VAL C 34 0.94 -21.41 20.65
C VAL C 34 2.06 -20.63 21.35
N ARG C 35 2.91 -21.36 22.06
CA ARG C 35 4.04 -20.76 22.77
C ARG C 35 5.03 -20.11 21.79
N MET C 36 5.34 -20.81 20.71
CA MET C 36 6.23 -20.28 19.70
C MET C 36 5.66 -18.98 19.14
N ALA C 37 4.37 -19.00 18.83
CA ALA C 37 3.69 -17.85 18.26
C ALA C 37 3.73 -16.67 19.19
N LEU C 38 3.46 -16.88 20.46
CA LEU C 38 3.46 -15.76 21.38
C LEU C 38 4.86 -15.20 21.56
N LEU C 39 5.87 -16.08 21.45
CA LEU C 39 7.26 -15.62 21.53
C LEU C 39 7.66 -14.84 20.29
N GLU C 40 7.15 -15.27 19.14
CA GLU C 40 7.40 -14.57 17.89
C GLU C 40 6.71 -13.22 17.90
N ALA C 41 5.71 -13.08 18.77
CA ALA C 41 4.97 -11.85 18.93
C ALA C 41 5.52 -10.97 20.04
N ASP C 42 6.65 -11.38 20.65
CA ASP C 42 7.30 -10.60 21.70
C ASP C 42 6.61 -10.60 23.08
N VAL C 43 5.83 -11.62 23.38
CA VAL C 43 5.24 -11.75 24.70
C VAL C 43 6.31 -12.31 25.62
N ALA C 44 6.53 -11.68 26.77
CA ALA C 44 7.57 -12.13 27.69
C ALA C 44 7.42 -13.59 28.12
N LEU C 45 8.54 -14.30 28.11
CA LEU C 45 8.61 -15.73 28.42
C LEU C 45 7.77 -16.19 29.64
N PRO C 46 7.95 -15.54 30.81
CA PRO C 46 7.17 -15.94 31.99
C PRO C 46 5.65 -15.77 31.76
N VAL C 47 5.28 -14.66 31.15
CA VAL C 47 3.89 -14.41 30.83
C VAL C 47 3.39 -15.48 29.89
N VAL C 48 4.22 -15.91 28.95
CA VAL C 48 3.84 -16.96 28.02
C VAL C 48 3.56 -18.23 28.78
N ARG C 49 4.40 -18.53 29.77
CA ARG C 49 4.20 -19.76 30.55
C ARG C 49 2.88 -19.73 31.32
N GLU C 50 2.62 -18.65 32.06
CA GLU C 50 1.36 -18.54 32.79
C GLU C 50 0.14 -18.57 31.84
N PHE C 51 0.29 -17.92 30.69
CA PHE C 51 -0.77 -17.95 29.71
C PHE C 51 -1.06 -19.35 29.20
N ILE C 52 -0.01 -20.10 28.92
CA ILE C 52 -0.18 -21.46 28.44
C ILE C 52 -0.83 -22.35 29.49
N ASN C 53 -0.43 -22.18 30.75
CA ASN C 53 -1.08 -22.96 31.79
C ASN C 53 -2.57 -22.68 31.80
N ARG C 54 -2.93 -21.40 31.70
CA ARG C 54 -4.37 -21.11 31.63
C ARG C 54 -5.02 -21.72 30.38
N VAL C 55 -4.36 -21.71 29.24
CA VAL C 55 -4.93 -22.37 28.07
C VAL C 55 -5.12 -23.90 28.29
N LYS C 56 -4.16 -24.57 28.94
CA LYS C 56 -4.32 -26.01 29.26
C LYS C 56 -5.52 -26.27 30.13
N GLU C 57 -5.63 -25.52 31.22
CA GLU C 57 -6.73 -25.68 32.16
C GLU C 57 -8.07 -25.59 31.43
N LYS C 58 -8.14 -24.71 30.43
CA LYS C 58 -9.32 -24.58 29.59
C LYS C 58 -9.43 -25.59 28.44
N ALA C 59 -8.32 -26.13 27.97
CA ALA C 59 -8.37 -26.98 26.76
C ALA C 59 -8.73 -28.44 26.99
N VAL C 60 -8.18 -29.02 28.05
CA VAL C 60 -8.40 -30.44 28.33
C VAL C 60 -9.85 -30.78 28.64
N GLY C 61 -10.54 -31.39 27.67
CA GLY C 61 -11.90 -31.84 27.88
C GLY C 61 -13.06 -31.05 27.32
N HIS C 62 -12.84 -30.25 26.29
CA HIS C 62 -13.95 -29.50 25.70
C HIS C 62 -14.52 -30.15 24.43
N GLU C 63 -15.85 -30.17 24.34
CA GLU C 63 -16.52 -30.70 23.16
C GLU C 63 -17.08 -29.66 22.20
N VAL C 64 -16.65 -29.76 20.96
CA VAL C 64 -17.16 -28.88 19.92
C VAL C 64 -18.23 -29.73 19.23
N ASN C 65 -19.30 -29.13 18.70
CA ASN C 65 -20.30 -29.91 17.98
C ASN C 65 -20.88 -29.20 16.76
N LYS C 66 -20.62 -27.89 16.65
CA LYS C 66 -21.11 -27.11 15.52
C LYS C 66 -20.10 -27.05 14.37
N SER C 67 -18.81 -26.94 14.69
CA SER C 67 -17.78 -26.97 13.66
C SER C 67 -16.48 -27.55 14.19
N LEU C 68 -16.22 -28.82 13.89
CA LEU C 68 -15.08 -29.55 14.42
C LEU C 68 -13.78 -29.28 13.68
N THR C 69 -13.49 -28.01 13.38
CA THR C 69 -12.21 -27.70 12.77
C THR C 69 -11.27 -27.48 13.92
N PRO C 70 -10.22 -28.30 13.99
CA PRO C 70 -9.36 -28.24 15.16
C PRO C 70 -8.57 -26.93 15.27
N GLY C 71 -8.11 -26.41 14.14
CA GLY C 71 -7.39 -25.15 14.12
C GLY C 71 -8.31 -24.10 14.68
N GLN C 72 -9.55 -24.09 14.21
CA GLN C 72 -10.53 -23.11 14.64
C GLN C 72 -10.98 -23.24 16.11
N GLU C 73 -11.21 -24.45 16.58
CA GLU C 73 -11.68 -24.59 17.96
C GLU C 73 -10.58 -24.14 18.91
N PHE C 74 -9.36 -24.62 18.67
CA PHE C 74 -8.31 -24.32 19.62
C PHE C 74 -7.96 -22.85 19.53
N VAL C 75 -7.94 -22.31 18.31
CA VAL C 75 -7.64 -20.89 18.13
C VAL C 75 -8.68 -20.11 18.90
N LYS C 76 -9.93 -20.56 18.85
CA LYS C 76 -11.02 -19.89 19.55
C LYS C 76 -10.76 -19.84 21.07
N ILE C 77 -10.35 -20.96 21.66
CA ILE C 77 -9.98 -20.96 23.08
C ILE C 77 -8.83 -19.98 23.41
N VAL C 78 -7.79 -19.99 22.57
CA VAL C 78 -6.67 -19.06 22.72
C VAL C 78 -7.12 -17.60 22.67
N ARG C 79 -7.94 -17.26 21.68
CA ARG C 79 -8.49 -15.91 21.56
C ARG C 79 -9.32 -15.50 22.75
N ASN C 80 -10.19 -16.38 23.23
CA ASN C 80 -10.93 -15.99 24.42
C ASN C 80 -10.02 -15.68 25.59
N GLU C 81 -9.05 -16.57 25.82
CA GLU C 81 -8.19 -16.45 27.00
C GLU C 81 -7.44 -15.14 26.94
N LEU C 82 -7.01 -14.78 25.72
CA LEU C 82 -6.21 -13.61 25.45
C LEU C 82 -7.00 -12.31 25.50
N VAL C 83 -8.16 -12.30 24.88
CA VAL C 83 -9.04 -11.14 24.94
C VAL C 83 -9.41 -10.87 26.39
N ALA C 84 -9.54 -11.93 27.18
CA ALA C 84 -9.81 -11.76 28.61
C ALA C 84 -8.62 -11.15 29.30
N ALA C 85 -7.43 -11.63 28.95
CA ALA C 85 -6.20 -11.13 29.58
C ALA C 85 -5.99 -9.65 29.26
N MET C 86 -6.40 -9.23 28.06
CA MET C 86 -6.17 -7.87 27.59
C MET C 86 -6.94 -6.80 28.28
N GLY C 87 -8.04 -7.16 28.92
CA GLY C 87 -8.79 -6.14 29.64
C GLY C 87 -10.19 -5.84 29.11
N GLU C 88 -10.67 -4.64 29.41
CA GLU C 88 -12.02 -4.27 29.00
C GLU C 88 -12.01 -3.09 28.05
N GLU C 89 -13.14 -2.82 27.43
CA GLU C 89 -13.22 -1.62 26.65
C GLU C 89 -13.75 -0.50 27.52
N ASN C 90 -13.79 0.69 26.92
CA ASN C 90 -14.32 1.86 27.57
C ASN C 90 -13.62 2.17 28.89
N GLN C 91 -12.31 1.94 28.93
CA GLN C 91 -11.46 2.35 30.03
C GLN C 91 -11.02 3.79 29.75
N THR C 92 -11.24 4.70 30.70
CA THR C 92 -11.13 6.13 30.42
C THR C 92 -10.34 6.81 31.52
N LEU C 93 -9.98 8.07 31.29
CA LEU C 93 -9.27 8.88 32.29
C LEU C 93 -10.24 9.44 33.31
N ASN C 94 -9.94 9.30 34.59
CA ASN C 94 -10.78 9.88 35.62
C ASN C 94 -10.75 11.41 35.55
N LEU C 95 -11.78 11.99 34.91
CA LEU C 95 -11.93 13.44 34.79
C LEU C 95 -13.08 13.95 35.66
N ALA C 96 -13.64 13.07 36.48
CA ALA C 96 -14.78 13.46 37.29
C ALA C 96 -14.43 13.99 38.69
N ALA C 97 -13.22 13.72 39.17
CA ALA C 97 -12.82 14.14 40.51
C ALA C 97 -12.58 15.65 40.61
N GLN C 98 -11.98 16.10 41.71
CA GLN C 98 -11.75 17.52 41.92
C GLN C 98 -10.65 18.06 40.96
N PRO C 99 -10.99 19.11 40.21
CA PRO C 99 -10.06 19.77 39.30
C PRO C 99 -9.04 20.61 40.07
N PRO C 100 -7.81 20.76 39.53
CA PRO C 100 -7.43 20.20 38.24
C PRO C 100 -7.13 18.71 38.33
N ALA C 101 -7.54 17.98 37.29
CA ALA C 101 -7.14 16.59 37.11
C ALA C 101 -5.70 16.59 36.66
N VAL C 102 -4.81 16.13 37.54
CA VAL C 102 -3.39 16.03 37.22
C VAL C 102 -3.06 14.67 36.63
N VAL C 103 -2.46 14.69 35.44
CA VAL C 103 -2.02 13.47 34.79
C VAL C 103 -0.50 13.40 34.62
N LEU C 104 0.12 12.36 35.18
CA LEU C 104 1.57 12.24 35.12
C LEU C 104 1.96 11.17 34.09
N MET C 105 2.82 11.54 33.16
CA MET C 105 3.37 10.59 32.21
C MET C 105 4.65 10.00 32.76
N ALA C 106 4.90 8.73 32.47
CA ALA C 106 6.13 8.09 32.90
C ALA C 106 6.48 7.01 31.90
N GLY C 107 7.77 6.74 31.70
CA GLY C 107 8.20 5.67 30.82
C GLY C 107 9.60 5.87 30.28
N LEU C 108 10.10 4.93 29.48
CA LEU C 108 11.47 4.95 28.98
C LEU C 108 11.75 6.01 27.93
N GLN C 109 13.03 6.12 27.56
CA GLN C 109 13.41 7.16 26.62
C GLN C 109 12.79 6.93 25.24
N GLY C 110 12.17 7.96 24.70
CA GLY C 110 11.64 7.91 23.34
C GLY C 110 10.41 7.04 23.10
N ALA C 111 9.70 6.70 24.18
CA ALA C 111 8.50 5.86 24.12
C ALA C 111 7.34 6.58 23.41
N GLY C 112 7.28 7.88 23.60
CA GLY C 112 6.31 8.72 22.92
C GLY C 112 5.52 9.57 23.89
N LYS C 113 6.13 9.89 25.02
CA LYS C 113 5.42 10.58 26.07
C LYS C 113 5.02 11.98 25.66
N THR C 114 5.96 12.73 25.10
CA THR C 114 5.74 14.14 24.78
C THR C 114 4.68 14.23 23.72
N THR C 115 4.83 13.40 22.70
CA THR C 115 3.85 13.31 21.63
C THR C 115 2.45 12.97 22.20
N SER C 116 2.43 12.08 23.18
CA SER C 116 1.19 11.62 23.82
C SER C 116 0.52 12.74 24.62
N VAL C 117 1.33 13.55 25.32
CA VAL C 117 0.79 14.72 25.98
C VAL C 117 0.13 15.60 24.92
N GLY C 118 0.79 15.77 23.77
CA GLY C 118 0.19 16.57 22.71
C GLY C 118 -1.20 16.04 22.26
N LYS C 119 -1.28 14.72 22.07
CA LYS C 119 -2.50 14.03 21.63
C LYS C 119 -3.63 14.12 22.67
N LEU C 120 -3.27 14.01 23.95
CA LEU C 120 -4.18 14.13 25.07
C LEU C 120 -4.69 15.54 25.25
N GLY C 121 -3.84 16.53 25.05
CA GLY C 121 -4.33 17.89 25.12
C GLY C 121 -5.35 18.08 24.03
N LYS C 122 -5.03 17.58 22.83
CA LYS C 122 -5.96 17.82 21.74
C LYS C 122 -7.30 17.17 22.06
N PHE C 123 -7.23 15.94 22.54
CA PHE C 123 -8.40 15.12 22.82
C PHE C 123 -9.26 15.75 23.91
N LEU C 124 -8.61 16.13 24.99
CA LEU C 124 -9.27 16.65 26.18
C LEU C 124 -9.90 18.02 25.94
N ARG C 125 -9.27 18.87 25.14
CA ARG C 125 -9.87 20.16 24.79
C ARG C 125 -11.00 20.00 23.78
N GLU C 126 -10.70 19.33 22.67
CA GLU C 126 -11.65 19.23 21.56
C GLU C 126 -12.89 18.42 21.90
N LYS C 127 -12.68 17.25 22.49
CA LYS C 127 -13.75 16.30 22.71
C LYS C 127 -14.36 16.27 24.12
N HIS C 128 -13.53 16.43 25.16
CA HIS C 128 -14.07 16.56 26.52
C HIS C 128 -14.15 18.01 26.99
N LYS C 129 -14.08 18.95 26.05
CA LYS C 129 -14.26 20.38 26.31
C LYS C 129 -13.54 20.90 27.56
N LYS C 130 -12.32 20.41 27.77
CA LYS C 130 -11.52 20.78 28.94
C LYS C 130 -10.62 21.97 28.69
N LYS C 131 -10.28 22.70 29.76
CA LYS C 131 -9.29 23.78 29.74
C LYS C 131 -8.00 23.18 30.25
N VAL C 132 -7.03 23.02 29.36
CA VAL C 132 -5.84 22.22 29.63
C VAL C 132 -4.54 23.03 29.79
N LEU C 133 -3.75 22.70 30.81
CA LEU C 133 -2.40 23.23 30.94
C LEU C 133 -1.38 22.07 30.87
N VAL C 134 -0.36 22.21 30.04
CA VAL C 134 0.69 21.21 29.99
C VAL C 134 2.03 21.76 30.47
N VAL C 135 2.81 20.92 31.14
CA VAL C 135 4.15 21.33 31.56
C VAL C 135 5.15 20.24 31.30
N SER C 136 6.38 20.64 30.99
CA SER C 136 7.42 19.63 30.82
C SER C 136 8.41 19.67 31.94
N ALA C 137 8.66 18.53 32.54
CA ALA C 137 9.65 18.49 33.60
C ALA C 137 10.92 17.85 33.03
N ASP C 138 10.96 17.71 31.70
CA ASP C 138 12.15 17.18 31.04
C ASP C 138 13.21 18.23 30.94
N VAL C 139 14.13 18.22 31.88
CA VAL C 139 15.19 19.20 31.86
C VAL C 139 16.45 18.53 31.32
N TYR C 140 16.30 17.32 30.79
CA TYR C 140 17.45 16.53 30.41
C TYR C 140 17.66 16.48 28.88
N ARG C 141 16.66 15.98 28.16
CA ARG C 141 16.79 15.89 26.70
C ARG C 141 16.80 17.28 26.06
N PRO C 142 17.76 17.54 25.15
CA PRO C 142 17.83 18.86 24.47
C PRO C 142 16.53 19.22 23.74
N ALA C 143 16.03 20.44 23.91
CA ALA C 143 14.86 20.95 23.19
C ALA C 143 13.55 20.21 23.51
N ALA C 144 13.52 19.47 24.60
CA ALA C 144 12.34 18.70 24.90
C ALA C 144 11.18 19.65 25.29
N ILE C 145 11.55 20.67 26.06
CA ILE C 145 10.60 21.65 26.51
C ILE C 145 10.04 22.40 25.31
N LYS C 146 10.91 22.75 24.38
CA LYS C 146 10.49 23.45 23.18
C LYS C 146 9.56 22.56 22.34
N GLN C 147 9.81 21.25 22.37
CA GLN C 147 8.97 20.29 21.67
C GLN C 147 7.54 20.32 22.23
N LEU C 148 7.44 20.29 23.56
CA LEU C 148 6.14 20.40 24.20
C LEU C 148 5.48 21.72 23.87
N GLU C 149 6.24 22.80 23.89
CA GLU C 149 5.66 24.12 23.66
C GLU C 149 5.06 24.20 22.26
N THR C 150 5.79 23.61 21.32
CA THR C 150 5.41 23.57 19.92
C THR C 150 4.13 22.75 19.74
N LEU C 151 4.12 21.52 20.28
CA LEU C 151 2.89 20.70 20.25
C LEU C 151 1.67 21.41 20.90
N ALA C 152 1.90 22.09 22.01
CA ALA C 152 0.86 22.79 22.75
C ALA C 152 0.26 23.90 21.92
N GLU C 153 1.12 24.68 21.29
CA GLU C 153 0.64 25.71 20.39
C GLU C 153 -0.14 25.06 19.26
N GLN C 154 0.29 23.88 18.86
CA GLN C 154 -0.37 23.23 17.75
C GLN C 154 -1.75 22.68 18.09
N VAL C 155 -1.96 22.25 19.32
CA VAL C 155 -3.26 21.65 19.68
C VAL C 155 -4.18 22.59 20.45
N GLY C 156 -3.84 23.87 20.48
CA GLY C 156 -4.71 24.88 21.04
C GLY C 156 -4.85 24.87 22.55
N VAL C 157 -3.80 24.44 23.23
CA VAL C 157 -3.77 24.25 24.66
C VAL C 157 -2.70 25.12 25.37
N ASP C 158 -2.90 25.41 26.64
CA ASP C 158 -1.99 26.29 27.36
C ASP C 158 -0.70 25.60 27.81
N PHE C 159 0.39 26.37 27.80
CA PHE C 159 1.70 25.86 28.11
C PHE C 159 2.29 26.58 29.30
N PHE C 160 2.79 25.83 30.27
CA PHE C 160 3.48 26.42 31.42
C PHE C 160 5.02 26.37 31.20
N PRO C 161 5.65 27.54 31.07
CA PRO C 161 7.08 27.60 30.73
C PRO C 161 7.99 26.97 31.79
N SER C 162 9.03 26.31 31.32
CA SER C 162 10.05 25.72 32.18
C SER C 162 11.36 25.73 31.42
N ASP C 163 12.47 25.64 32.13
CA ASP C 163 13.76 25.62 31.50
C ASP C 163 14.69 24.69 32.27
N VAL C 164 15.79 24.32 31.62
CA VAL C 164 16.72 23.33 32.13
C VAL C 164 17.46 23.76 33.39
N GLY C 165 17.36 25.03 33.76
CA GLY C 165 18.03 25.49 34.95
C GLY C 165 17.20 25.21 36.18
N GLN C 166 16.05 24.59 36.00
CA GLN C 166 15.15 24.37 37.11
C GLN C 166 15.15 22.90 37.53
N LYS C 167 14.56 22.61 38.68
CA LYS C 167 14.52 21.24 39.16
C LYS C 167 13.10 20.78 38.90
N PRO C 168 12.94 19.54 38.44
CA PRO C 168 11.63 18.98 38.08
C PRO C 168 10.57 19.15 39.16
N VAL C 169 10.91 18.86 40.41
CA VAL C 169 9.93 19.00 41.48
C VAL C 169 9.40 20.42 41.54
N ASP C 170 10.31 21.38 41.52
CA ASP C 170 9.92 22.81 41.56
C ASP C 170 9.04 23.13 40.35
N ILE C 171 9.40 22.56 39.21
CA ILE C 171 8.68 22.87 37.99
C ILE C 171 7.23 22.47 38.14
N VAL C 172 7.02 21.20 38.47
CA VAL C 172 5.67 20.66 38.59
C VAL C 172 4.89 21.32 39.71
N ASN C 173 5.56 21.67 40.81
CA ASN C 173 4.87 22.40 41.87
C ASN C 173 4.34 23.75 41.37
N ALA C 174 5.16 24.44 40.60
CA ALA C 174 4.75 25.72 40.01
C ALA C 174 3.56 25.51 39.10
N ALA C 175 3.66 24.49 38.27
CA ALA C 175 2.63 24.21 37.28
C ALA C 175 1.28 23.91 37.95
N LEU C 176 1.31 23.06 38.96
CA LEU C 176 0.12 22.75 39.73
C LEU C 176 -0.45 24.01 40.38
N LYS C 177 0.43 24.85 40.94
CA LYS C 177 -0.04 26.07 41.59
C LYS C 177 -0.80 26.94 40.59
N GLU C 178 -0.24 27.08 39.40
CA GLU C 178 -0.91 27.83 38.35
C GLU C 178 -2.25 27.22 37.94
N ALA C 179 -2.28 25.89 37.85
CA ALA C 179 -3.47 25.17 37.42
C ALA C 179 -4.63 25.31 38.42
N LYS C 180 -4.30 25.24 39.71
CA LYS C 180 -5.30 25.49 40.72
C LYS C 180 -5.76 26.94 40.62
N LEU C 181 -4.79 27.85 40.67
CA LEU C 181 -5.06 29.29 40.71
C LEU C 181 -5.93 29.81 39.56
N LYS C 182 -5.67 29.33 38.35
CA LYS C 182 -6.38 29.76 37.14
C LYS C 182 -7.51 28.83 36.73
N PHE C 183 -7.89 27.94 37.64
CA PHE C 183 -9.08 27.11 37.47
C PHE C 183 -9.03 26.20 36.25
N TYR C 184 -7.89 25.58 36.01
CA TYR C 184 -7.72 24.61 34.91
C TYR C 184 -8.41 23.29 35.26
N ASP C 185 -8.96 22.62 34.24
CA ASP C 185 -9.62 21.35 34.47
C ASP C 185 -8.57 20.25 34.54
N VAL C 186 -7.53 20.40 33.72
CA VAL C 186 -6.50 19.38 33.57
C VAL C 186 -5.08 19.96 33.53
N LEU C 187 -4.21 19.36 34.31
CA LEU C 187 -2.77 19.56 34.18
C LEU C 187 -2.10 18.27 33.72
N LEU C 188 -1.61 18.25 32.48
CA LEU C 188 -0.82 17.16 31.94
C LEU C 188 0.66 17.40 32.26
N VAL C 189 1.31 16.43 32.91
CA VAL C 189 2.69 16.62 33.29
C VAL C 189 3.61 15.72 32.50
N ASP C 190 4.41 16.32 31.63
CA ASP C 190 5.40 15.61 30.82
C ASP C 190 6.67 15.44 31.65
N THR C 191 7.26 14.25 31.58
CA THR C 191 8.52 13.98 32.25
C THR C 191 9.56 13.35 31.29
N ALA C 192 10.84 13.36 31.70
CA ALA C 192 11.85 12.79 30.83
C ALA C 192 11.74 11.27 30.89
N GLY C 193 12.02 10.61 29.77
CA GLY C 193 12.17 9.17 29.79
C GLY C 193 13.26 8.81 30.78
N ARG C 194 13.15 7.64 31.41
CA ARG C 194 14.13 7.22 32.39
C ARG C 194 14.12 5.72 32.44
N LEU C 195 15.25 5.15 32.81
CA LEU C 195 15.36 3.72 32.92
C LEU C 195 15.02 3.32 34.35
N HIS C 196 14.46 2.14 34.48
CA HIS C 196 14.10 1.59 35.78
C HIS C 196 15.32 1.29 36.65
N VAL C 197 16.45 1.17 36.00
CA VAL C 197 17.73 0.85 36.62
C VAL C 197 18.45 2.12 37.08
N ASP C 198 17.93 3.26 36.68
CA ASP C 198 18.51 4.55 37.05
C ASP C 198 17.89 5.03 38.39
N GLU C 199 18.60 4.77 39.49
CA GLU C 199 18.03 5.04 40.80
C GLU C 199 17.66 6.51 40.98
N ALA C 200 18.53 7.43 40.56
CA ALA C 200 18.27 8.85 40.76
C ALA C 200 17.02 9.32 39.97
N MET C 201 16.85 8.81 38.76
CA MET C 201 15.74 9.22 37.94
C MET C 201 14.41 8.62 38.45
N MET C 202 14.48 7.44 39.06
CA MET C 202 13.31 6.82 39.66
C MET C 202 12.94 7.53 40.97
N ASP C 203 13.95 7.93 41.73
CA ASP C 203 13.69 8.77 42.89
C ASP C 203 13.01 10.05 42.40
N GLU C 204 13.49 10.61 41.29
CA GLU C 204 12.93 11.85 40.79
C GLU C 204 11.46 11.68 40.40
N ILE C 205 11.14 10.63 39.66
CA ILE C 205 9.75 10.43 39.24
C ILE C 205 8.84 10.18 40.44
N LYS C 206 9.33 9.45 41.44
CA LYS C 206 8.61 9.21 42.66
C LYS C 206 8.33 10.51 43.41
N GLN C 207 9.34 11.39 43.44
CA GLN C 207 9.22 12.68 44.11
C GLN C 207 8.21 13.55 43.40
N VAL C 208 8.24 13.52 42.07
CA VAL C 208 7.28 14.26 41.28
C VAL C 208 5.85 13.81 41.61
N HIS C 209 5.66 12.50 41.56
CA HIS C 209 4.38 11.90 41.89
C HIS C 209 3.88 12.30 43.28
N ALA C 210 4.77 12.22 44.27
CA ALA C 210 4.41 12.55 45.64
C ALA C 210 4.05 14.02 45.76
N SER C 211 4.68 14.84 44.93
CA SER C 211 4.44 16.28 44.98
C SER C 211 3.11 16.69 44.37
N ILE C 212 2.73 16.08 43.26
CA ILE C 212 1.53 16.60 42.60
C ILE C 212 0.25 15.78 42.79
N ASN C 213 0.35 14.65 43.47
CA ASN C 213 -0.80 13.75 43.74
C ASN C 213 -1.74 13.56 42.56
N PRO C 214 -1.20 12.96 41.50
CA PRO C 214 -1.93 12.88 40.23
C PRO C 214 -3.07 11.91 40.32
N VAL C 215 -4.15 12.19 39.60
CA VAL C 215 -5.30 11.31 39.57
C VAL C 215 -5.02 10.18 38.59
N GLU C 216 -4.28 10.49 37.52
CA GLU C 216 -3.80 9.49 36.58
C GLU C 216 -2.28 9.51 36.48
N THR C 217 -1.69 8.32 36.46
CA THR C 217 -0.30 8.17 36.11
C THR C 217 -0.25 7.23 34.93
N LEU C 218 0.15 7.74 33.77
CA LEU C 218 0.18 6.93 32.58
C LEU C 218 1.58 6.41 32.26
N PHE C 219 1.67 5.11 32.04
CA PHE C 219 2.92 4.45 31.72
C PHE C 219 2.98 4.25 30.23
N VAL C 220 3.88 4.99 29.57
CA VAL C 220 3.94 5.00 28.11
C VAL C 220 5.00 4.01 27.63
N VAL C 221 4.61 3.14 26.70
CA VAL C 221 5.43 2.00 26.31
C VAL C 221 5.34 1.83 24.80
N ASP C 222 6.52 1.71 24.19
CA ASP C 222 6.63 1.55 22.77
C ASP C 222 6.17 0.15 22.45
N ALA C 223 5.28 0.03 21.45
CA ALA C 223 4.72 -1.28 21.15
C ALA C 223 5.70 -2.27 20.54
N MET C 224 6.88 -1.82 20.11
CA MET C 224 7.81 -2.74 19.46
C MET C 224 8.66 -3.40 20.52
N THR C 225 8.48 -2.99 21.77
CA THR C 225 9.25 -3.53 22.88
C THR C 225 9.18 -5.04 22.97
N GLY C 226 10.33 -5.66 23.19
CA GLY C 226 10.43 -7.10 23.35
C GLY C 226 10.37 -7.55 24.79
N GLN C 227 11.14 -8.59 25.11
CA GLN C 227 11.13 -9.23 26.42
C GLN C 227 11.33 -8.25 27.55
N ASP C 228 12.22 -7.28 27.37
CA ASP C 228 12.52 -6.31 28.42
C ASP C 228 11.30 -5.62 29.04
N ALA C 229 10.13 -5.72 28.40
CA ALA C 229 8.94 -5.06 28.94
C ALA C 229 8.61 -5.64 30.31
N ALA C 230 8.96 -6.91 30.45
CA ALA C 230 8.80 -7.63 31.70
C ALA C 230 9.49 -6.90 32.83
N ASN C 231 10.67 -6.37 32.55
CA ASN C 231 11.42 -5.58 33.52
C ASN C 231 10.76 -4.26 33.79
N THR C 232 10.59 -3.47 32.73
CA THR C 232 10.15 -2.09 32.89
C THR C 232 8.82 -2.04 33.63
N ALA C 233 7.86 -2.79 33.11
CA ALA C 233 6.57 -2.90 33.73
C ALA C 233 6.74 -3.15 35.24
N LYS C 234 7.46 -4.21 35.59
CA LYS C 234 7.57 -4.57 37.00
C LYS C 234 8.10 -3.38 37.80
N ALA C 235 9.12 -2.75 37.24
CA ALA C 235 9.80 -1.70 37.96
C ALA C 235 8.90 -0.50 38.12
N PHE C 236 8.27 -0.08 37.03
CA PHE C 236 7.46 1.13 37.11
C PHE C 236 6.21 0.90 37.95
N ASN C 237 5.60 -0.27 37.77
CA ASN C 237 4.43 -0.63 38.56
C ASN C 237 4.83 -0.66 40.03
N GLU C 238 6.07 -1.05 40.33
CA GLU C 238 6.42 -1.12 41.74
C GLU C 238 6.88 0.24 42.24
N ALA C 239 7.21 1.15 41.33
CA ALA C 239 7.75 2.46 41.72
C ALA C 239 6.68 3.54 41.83
N LEU C 240 5.62 3.37 41.06
CA LEU C 240 4.54 4.35 41.02
C LEU C 240 3.17 3.68 41.10
N PRO C 241 2.19 4.37 41.68
CA PRO C 241 0.87 3.77 41.51
C PRO C 241 0.33 4.12 40.13
N LEU C 242 0.54 3.22 39.18
CA LEU C 242 0.12 3.44 37.81
C LEU C 242 -1.37 3.26 37.74
N THR C 243 -2.05 4.07 36.93
CA THR C 243 -3.48 3.90 36.79
C THR C 243 -3.84 3.49 35.39
N GLY C 244 -2.90 3.59 34.47
CA GLY C 244 -3.23 3.26 33.11
C GLY C 244 -2.01 3.16 32.24
N VAL C 245 -2.22 2.65 31.04
CA VAL C 245 -1.10 2.40 30.16
C VAL C 245 -1.43 3.01 28.80
N VAL C 246 -0.47 3.71 28.22
CA VAL C 246 -0.60 4.17 26.84
C VAL C 246 0.39 3.37 25.99
N LEU C 247 -0.12 2.70 24.97
CA LEU C 247 0.74 1.92 24.08
C LEU C 247 0.94 2.66 22.74
N THR C 248 2.18 3.06 22.45
CA THR C 248 2.42 3.88 21.26
C THR C 248 3.01 3.13 20.07
N LYS C 249 2.92 3.75 18.88
CA LYS C 249 3.50 3.24 17.64
C LYS C 249 2.86 1.94 17.19
N VAL C 250 1.56 1.84 17.47
CA VAL C 250 0.75 0.72 17.07
C VAL C 250 0.46 0.73 15.57
N ASP C 251 0.72 1.87 14.93
CA ASP C 251 0.60 1.98 13.49
C ASP C 251 1.74 1.28 12.78
N GLY C 252 2.75 0.86 13.54
CA GLY C 252 3.77 0.03 12.95
C GLY C 252 3.29 -1.39 12.71
N ASP C 253 4.17 -2.27 12.25
CA ASP C 253 3.82 -3.66 11.99
C ASP C 253 4.30 -4.61 13.09
N ALA C 254 4.80 -4.08 14.20
CA ALA C 254 5.14 -4.93 15.34
C ALA C 254 3.92 -5.68 15.85
N ARG C 255 4.10 -6.93 16.22
CA ARG C 255 2.94 -7.74 16.56
C ARG C 255 2.29 -7.30 17.85
N GLY C 256 3.05 -6.68 18.74
CA GLY C 256 2.49 -6.00 19.91
C GLY C 256 2.35 -6.76 21.22
N GLY C 257 3.00 -7.91 21.32
CA GLY C 257 2.95 -8.76 22.50
C GLY C 257 3.32 -8.14 23.83
N ALA C 258 3.99 -6.99 23.80
CA ALA C 258 4.31 -6.25 25.03
C ALA C 258 3.07 -5.84 25.79
N ALA C 259 1.99 -5.64 25.03
CA ALA C 259 0.71 -5.32 25.60
C ALA C 259 0.34 -6.41 26.58
N LEU C 260 0.53 -7.66 26.17
CA LEU C 260 0.17 -8.75 27.07
C LEU C 260 1.10 -8.77 28.28
N SER C 261 2.40 -8.71 28.06
CA SER C 261 3.38 -8.63 29.14
C SER C 261 3.01 -7.58 30.19
N ILE C 262 2.94 -6.31 29.77
CA ILE C 262 2.60 -5.20 30.65
C ILE C 262 1.32 -5.43 31.37
N ARG C 263 0.30 -5.71 30.59
CA ARG C 263 -1.04 -5.94 31.13
C ARG C 263 -1.01 -7.04 32.21
N HIS C 264 -0.35 -8.16 31.92
CA HIS C 264 -0.25 -9.27 32.88
C HIS C 264 0.52 -8.90 34.14
N ILE C 265 1.73 -8.37 33.96
CA ILE C 265 2.66 -8.02 35.04
C ILE C 265 2.22 -6.83 35.92
N THR C 266 1.54 -5.86 35.35
CA THR C 266 1.07 -4.70 36.11
C THR C 266 -0.39 -4.79 36.55
N GLY C 267 -1.20 -5.55 35.83
CA GLY C 267 -2.62 -5.61 36.11
C GLY C 267 -3.34 -4.28 35.92
N LYS C 268 -2.71 -3.40 35.14
CA LYS C 268 -3.26 -2.07 34.90
C LYS C 268 -3.87 -1.99 33.51
N PRO C 269 -4.93 -1.17 33.36
CA PRO C 269 -5.66 -1.07 32.09
C PRO C 269 -4.93 -0.26 31.04
N ILE C 270 -4.99 -0.71 29.78
CA ILE C 270 -4.49 0.10 28.68
C ILE C 270 -5.57 1.10 28.24
N LYS C 271 -5.30 2.38 28.41
CA LYS C 271 -6.27 3.40 28.13
C LYS C 271 -6.17 3.99 26.75
N PHE C 272 -4.98 3.99 26.15
CA PHE C 272 -4.84 4.61 24.83
C PHE C 272 -3.93 3.88 23.91
N LEU C 273 -4.20 4.00 22.62
CA LEU C 273 -3.25 3.58 21.61
C LEU C 273 -2.76 4.78 20.84
N GLY C 274 -1.44 4.92 20.71
CA GLY C 274 -0.87 5.89 19.79
C GLY C 274 -0.78 5.24 18.42
N VAL C 275 -1.26 5.92 17.38
CA VAL C 275 -1.38 5.26 16.08
C VAL C 275 -0.79 6.14 14.94
N GLY C 276 0.09 7.04 15.31
CA GLY C 276 0.73 7.89 14.32
C GLY C 276 1.46 8.99 15.05
N GLU C 277 2.13 9.85 14.29
CA GLU C 277 3.00 10.86 14.88
C GLU C 277 2.24 12.14 15.05
N LYS C 278 1.20 12.34 14.23
CA LYS C 278 0.42 13.54 14.29
C LYS C 278 -0.46 13.57 15.57
N THR C 279 -0.91 14.77 15.92
CA THR C 279 -1.55 14.98 17.20
C THR C 279 -2.95 14.39 17.27
N GLU C 280 -3.53 14.12 16.10
CA GLU C 280 -4.85 13.52 15.99
C GLU C 280 -4.79 12.02 16.13
N ALA C 281 -3.59 11.46 16.11
CA ALA C 281 -3.45 10.01 16.03
C ALA C 281 -3.54 9.29 17.39
N LEU C 282 -4.69 9.44 18.03
CA LEU C 282 -4.95 8.83 19.34
C LEU C 282 -6.20 7.98 19.21
N GLU C 283 -6.16 6.77 19.75
CA GLU C 283 -7.29 5.87 19.65
C GLU C 283 -7.63 5.20 20.97
N PRO C 284 -8.89 4.76 21.13
CA PRO C 284 -9.18 3.98 22.34
C PRO C 284 -8.67 2.56 22.21
N PHE C 285 -8.52 1.90 23.34
CA PHE C 285 -8.04 0.53 23.38
C PHE C 285 -9.19 -0.52 23.26
N HIS C 286 -9.13 -1.37 22.24
CA HIS C 286 -10.01 -2.53 22.07
C HIS C 286 -9.25 -3.88 22.19
N PRO C 287 -9.49 -4.63 23.28
CA PRO C 287 -8.86 -5.92 23.61
C PRO C 287 -8.84 -6.94 22.47
N ASP C 288 -9.95 -7.06 21.74
CA ASP C 288 -10.06 -8.06 20.67
C ASP C 288 -9.14 -7.80 19.48
N ARG C 289 -9.02 -6.53 19.10
CA ARG C 289 -8.18 -6.12 17.99
C ARG C 289 -6.72 -6.39 18.32
N ILE C 290 -6.32 -5.99 19.53
CA ILE C 290 -4.96 -6.24 19.99
C ILE C 290 -4.70 -7.72 20.06
N ALA C 291 -5.68 -8.47 20.56
CA ALA C 291 -5.56 -9.92 20.69
C ALA C 291 -5.30 -10.56 19.34
N SER C 292 -6.13 -10.25 18.35
CA SER C 292 -5.88 -10.81 17.03
C SER C 292 -4.54 -10.33 16.45
N ARG C 293 -4.14 -9.11 16.78
CA ARG C 293 -2.88 -8.61 16.28
C ARG C 293 -1.73 -9.47 16.80
N ILE C 294 -1.70 -9.67 18.12
CA ILE C 294 -0.71 -10.53 18.77
C ILE C 294 -0.74 -11.98 18.22
N LEU C 295 -1.92 -12.52 17.96
CA LEU C 295 -2.00 -13.87 17.35
C LEU C 295 -1.73 -13.87 15.84
N GLY C 296 -1.63 -12.68 15.26
CA GLY C 296 -1.42 -12.51 13.83
C GLY C 296 -2.72 -12.41 13.03
N MET C 297 -3.53 -11.41 13.36
CA MET C 297 -4.83 -11.18 12.72
C MET C 297 -5.75 -12.40 12.79
N GLY C 298 -5.79 -13.01 13.96
CA GLY C 298 -6.78 -14.01 14.29
C GLY C 298 -6.42 -14.80 15.55
N GLY D 1 33.40 -26.44 39.61
CA GLY D 1 32.33 -26.15 38.67
C GLY D 1 31.25 -27.22 38.67
N LYS D 2 30.11 -26.90 38.05
CA LYS D 2 28.98 -27.84 38.02
C LYS D 2 29.09 -28.86 36.89
N LYS D 3 28.17 -29.83 36.90
CA LYS D 3 28.09 -30.84 35.85
C LYS D 3 26.99 -30.52 34.84
N ILE D 4 27.24 -30.88 33.58
CA ILE D 4 26.27 -30.70 32.51
C ILE D 4 25.02 -31.56 32.67
N ASP D 5 23.87 -30.91 32.68
CA ASP D 5 22.59 -31.58 32.79
C ASP D 5 21.69 -31.15 31.63
N ASP D 6 20.57 -31.84 31.46
CA ASP D 6 19.57 -31.46 30.45
C ASP D 6 18.92 -30.12 30.84
N ASP D 7 18.80 -29.93 32.15
CA ASP D 7 18.26 -28.69 32.69
C ASP D 7 19.17 -27.51 32.34
N LEU D 8 20.42 -27.79 32.04
CA LEU D 8 21.33 -26.71 31.69
C LEU D 8 21.04 -26.19 30.28
N PHE D 9 20.79 -27.10 29.36
CA PHE D 9 20.35 -26.71 28.02
C PHE D 9 19.03 -25.97 28.10
N GLU D 10 18.06 -26.51 28.85
CA GLU D 10 16.80 -25.78 28.96
C GLU D 10 17.04 -24.36 29.48
N GLU D 11 17.78 -24.25 30.57
CA GLU D 11 18.09 -22.97 31.20
C GLU D 11 18.72 -21.97 30.20
N LEU D 12 19.76 -22.42 29.49
CA LEU D 12 20.45 -21.60 28.48
C LEU D 12 19.50 -21.14 27.37
N GLU D 13 18.61 -22.04 26.97
CA GLU D 13 17.55 -21.70 26.03
C GLU D 13 16.68 -20.57 26.58
N GLU D 14 16.22 -20.73 27.81
CA GLU D 14 15.43 -19.68 28.45
C GLU D 14 16.15 -18.34 28.40
N GLN D 15 17.44 -18.33 28.75
CA GLN D 15 18.25 -17.12 28.74
C GLN D 15 18.31 -16.47 27.35
N LEU D 16 18.49 -17.31 26.34
CA LEU D 16 18.51 -16.82 24.96
C LEU D 16 17.18 -16.15 24.59
N LEU D 17 16.06 -16.82 24.85
CA LEU D 17 14.77 -16.23 24.52
C LEU D 17 14.50 -14.94 25.30
N ILE D 18 14.86 -14.97 26.58
CA ILE D 18 14.69 -13.81 27.47
C ILE D 18 15.57 -12.62 27.03
N ALA D 19 16.61 -12.89 26.26
CA ALA D 19 17.43 -11.83 25.68
C ALA D 19 16.98 -11.34 24.30
N ASP D 20 15.79 -11.74 23.86
CA ASP D 20 15.22 -11.34 22.58
C ASP D 20 15.88 -11.97 21.38
N VAL D 21 16.46 -13.16 21.55
CA VAL D 21 17.18 -13.79 20.46
C VAL D 21 16.23 -14.31 19.41
N GLY D 22 15.00 -14.64 19.81
CA GLY D 22 14.00 -15.11 18.86
C GLY D 22 14.05 -16.63 18.84
N VAL D 23 12.96 -17.26 18.41
CA VAL D 23 12.84 -18.71 18.57
C VAL D 23 13.73 -19.43 17.59
N GLU D 24 13.78 -18.91 16.37
CA GLU D 24 14.55 -19.49 15.27
C GLU D 24 16.04 -19.51 15.54
N THR D 25 16.61 -18.34 15.79
CA THR D 25 18.03 -18.26 16.07
C THR D 25 18.40 -19.01 17.36
N THR D 26 17.49 -19.00 18.33
CA THR D 26 17.73 -19.75 19.56
C THR D 26 17.79 -21.24 19.27
N ARG D 27 16.87 -21.71 18.43
CA ARG D 27 16.84 -23.12 18.08
C ARG D 27 18.11 -23.49 17.37
N LYS D 28 18.55 -22.63 16.47
CA LYS D 28 19.79 -22.83 15.72
C LYS D 28 21.02 -22.89 16.63
N ILE D 29 21.15 -21.91 17.50
CA ILE D 29 22.30 -21.80 18.39
C ILE D 29 22.36 -22.99 19.31
N ILE D 30 21.19 -23.35 19.83
CA ILE D 30 21.04 -24.45 20.77
C ILE D 30 21.36 -25.80 20.12
N THR D 31 20.88 -25.97 18.88
CA THR D 31 21.13 -27.18 18.11
C THR D 31 22.62 -27.38 17.86
N ASN D 32 23.24 -26.31 17.39
CA ASN D 32 24.67 -26.32 17.17
C ASN D 32 25.42 -26.61 18.47
N LEU D 33 24.86 -26.12 19.57
CA LEU D 33 25.48 -26.31 20.88
C LEU D 33 25.34 -27.77 21.33
N THR D 34 24.22 -28.39 20.98
CA THR D 34 23.97 -29.77 21.32
C THR D 34 24.88 -30.68 20.50
N GLU D 35 25.03 -30.37 19.22
CA GLU D 35 25.82 -31.23 18.37
C GLU D 35 27.27 -31.11 18.79
N GLY D 36 27.69 -29.89 19.13
CA GLY D 36 29.06 -29.65 19.51
C GLY D 36 29.40 -30.28 20.85
N ALA D 37 28.49 -30.15 21.81
CA ALA D 37 28.66 -30.73 23.13
C ALA D 37 28.73 -32.25 23.05
N SER D 38 27.85 -32.84 22.26
CA SER D 38 27.84 -34.28 22.08
C SER D 38 29.14 -34.73 21.41
N ARG D 39 29.53 -34.00 20.37
CA ARG D 39 30.71 -34.28 19.57
C ARG D 39 31.95 -34.29 20.43
N LYS D 40 32.25 -33.13 21.02
CA LYS D 40 33.47 -32.96 21.79
C LYS D 40 33.33 -33.54 23.20
N GLN D 41 32.23 -34.26 23.40
CA GLN D 41 31.87 -34.88 24.68
C GLN D 41 32.10 -34.01 25.92
N LEU D 42 31.61 -32.78 25.86
CA LEU D 42 31.77 -31.85 26.97
C LEU D 42 31.04 -32.36 28.20
N ARG D 43 31.70 -32.29 29.34
CA ARG D 43 31.10 -32.77 30.57
C ARG D 43 30.87 -31.67 31.61
N ASP D 44 31.50 -30.51 31.44
CA ASP D 44 31.34 -29.44 32.43
C ASP D 44 30.67 -28.19 31.91
N ALA D 45 30.14 -27.40 32.84
CA ALA D 45 29.42 -26.18 32.49
C ALA D 45 30.35 -25.18 31.83
N GLU D 46 31.46 -24.84 32.48
CA GLU D 46 32.35 -23.79 31.98
C GLU D 46 32.77 -23.99 30.52
N ALA D 47 33.01 -25.24 30.14
CA ALA D 47 33.31 -25.55 28.75
C ALA D 47 32.08 -25.32 27.88
N LEU D 48 30.89 -25.61 28.43
CA LEU D 48 29.66 -25.39 27.68
C LEU D 48 29.34 -23.90 27.45
N TYR D 49 29.42 -23.06 28.49
CA TYR D 49 29.29 -21.61 28.31
C TYR D 49 30.32 -21.15 27.31
N GLY D 50 31.53 -21.73 27.40
CA GLY D 50 32.59 -21.40 26.47
C GLY D 50 32.15 -21.64 25.04
N LEU D 51 31.57 -22.81 24.79
CA LEU D 51 31.08 -23.15 23.46
C LEU D 51 29.92 -22.27 22.97
N LEU D 52 29.00 -21.95 23.87
CA LEU D 52 27.88 -21.05 23.58
C LEU D 52 28.40 -19.70 23.09
N LYS D 53 29.34 -19.14 23.86
CA LYS D 53 30.02 -17.91 23.46
C LYS D 53 30.71 -18.06 22.11
N GLU D 54 31.33 -19.21 21.86
CA GLU D 54 31.93 -19.47 20.53
C GLU D 54 30.91 -19.38 19.40
N GLU D 55 29.73 -19.96 19.57
CA GLU D 55 28.70 -19.99 18.54
C GLU D 55 28.20 -18.57 18.24
N MET D 56 27.94 -17.85 19.32
CA MET D 56 27.49 -16.48 19.19
C MET D 56 28.57 -15.64 18.51
N GLY D 57 29.81 -15.84 18.92
CA GLY D 57 30.94 -15.18 18.29
C GLY D 57 31.02 -15.47 16.82
N GLU D 58 30.73 -16.72 16.44
CA GLU D 58 30.73 -17.12 15.04
C GLU D 58 29.78 -16.19 14.31
N ILE D 59 28.57 -16.04 14.85
CA ILE D 59 27.58 -15.16 14.24
C ILE D 59 28.02 -13.69 14.15
N LEU D 60 28.59 -13.17 15.23
CA LEU D 60 28.92 -11.74 15.25
C LEU D 60 30.19 -11.36 14.50
N ALA D 61 31.04 -12.36 14.23
CA ALA D 61 32.29 -12.08 13.54
C ALA D 61 32.08 -11.71 12.07
N LYS D 62 30.90 -12.05 11.54
CA LYS D 62 30.58 -11.75 10.16
C LYS D 62 30.12 -10.32 10.03
N VAL D 63 30.05 -9.62 11.16
CA VAL D 63 29.47 -8.29 11.18
C VAL D 63 30.24 -7.33 12.10
N ASP D 64 31.52 -7.61 12.29
CA ASP D 64 32.33 -6.89 13.26
C ASP D 64 33.18 -5.80 12.65
N GLU D 65 33.05 -5.60 11.34
CA GLU D 65 33.85 -4.60 10.62
C GLU D 65 33.57 -3.22 11.19
N PRO D 66 34.60 -2.56 11.74
CA PRO D 66 34.39 -1.22 12.27
C PRO D 66 34.19 -0.19 11.16
N LEU D 67 33.63 0.94 11.51
CA LEU D 67 33.38 1.93 10.49
C LEU D 67 34.63 2.80 10.30
N ASN D 68 35.00 2.98 9.04
CA ASN D 68 36.10 3.83 8.65
C ASN D 68 35.58 5.01 7.82
N VAL D 69 35.85 6.25 8.27
CA VAL D 69 35.35 7.44 7.59
C VAL D 69 36.45 8.25 6.89
N GLU D 70 37.67 7.74 6.95
CA GLU D 70 38.81 8.42 6.33
C GLU D 70 38.63 8.45 4.83
N GLY D 71 39.19 9.46 4.17
CA GLY D 71 39.34 9.38 2.74
C GLY D 71 38.40 10.16 1.85
N LYS D 72 37.37 10.79 2.40
CA LYS D 72 36.35 11.43 1.55
C LYS D 72 36.08 12.90 1.86
N ALA D 73 35.50 13.58 0.89
CA ALA D 73 35.24 15.01 1.02
C ALA D 73 33.82 15.42 0.64
N PRO D 74 32.87 15.25 1.57
CA PRO D 74 33.10 14.62 2.86
C PRO D 74 32.75 13.15 2.79
N PHE D 75 33.08 12.45 3.85
CA PHE D 75 32.50 11.14 4.06
C PHE D 75 31.07 11.37 4.61
N VAL D 76 30.06 10.92 3.88
CA VAL D 76 28.67 11.15 4.26
C VAL D 76 27.99 9.96 4.95
N ILE D 77 27.61 10.16 6.21
CA ILE D 77 26.83 9.18 6.95
C ILE D 77 25.33 9.54 7.00
N LEU D 78 24.50 8.61 6.57
CA LEU D 78 23.05 8.80 6.59
C LEU D 78 22.38 7.95 7.69
N MET D 79 21.78 8.63 8.65
CA MET D 79 21.15 7.98 9.78
C MET D 79 19.67 7.69 9.56
N VAL D 80 19.30 6.42 9.52
CA VAL D 80 17.90 6.05 9.37
C VAL D 80 17.43 5.09 10.48
N GLY D 81 16.12 4.96 10.60
CA GLY D 81 15.51 4.05 11.57
C GLY D 81 14.18 4.57 12.05
N VAL D 82 13.58 3.84 12.99
CA VAL D 82 12.22 4.17 13.44
C VAL D 82 12.25 5.28 14.49
N ASN D 83 11.07 5.62 14.99
CA ASN D 83 10.92 6.75 15.89
C ASN D 83 11.47 6.54 17.28
N GLY D 84 12.23 7.54 17.74
CA GLY D 84 12.70 7.61 19.11
C GLY D 84 13.73 6.57 19.50
N VAL D 85 14.40 5.95 18.54
CA VAL D 85 15.40 4.94 18.88
C VAL D 85 16.75 5.55 19.26
N GLY D 86 16.96 6.83 18.97
CA GLY D 86 18.17 7.49 19.41
C GLY D 86 19.10 7.94 18.29
N LYS D 87 18.57 8.14 17.08
CA LYS D 87 19.38 8.55 15.95
C LYS D 87 20.10 9.88 16.22
N THR D 88 19.35 10.90 16.62
CA THR D 88 19.93 12.23 16.82
C THR D 88 20.98 12.25 17.94
N THR D 89 20.66 11.60 19.05
CA THR D 89 21.56 11.53 20.19
C THR D 89 22.88 10.86 19.78
N THR D 90 22.72 9.86 18.95
CA THR D 90 23.80 9.11 18.43
C THR D 90 24.67 10.00 17.53
N ILE D 91 24.03 10.82 16.69
CA ILE D 91 24.80 11.76 15.90
C ILE D 91 25.67 12.64 16.80
N GLY D 92 25.11 13.17 17.88
CA GLY D 92 25.91 13.94 18.82
C GLY D 92 27.12 13.18 19.32
N LYS D 93 26.90 11.91 19.63
CA LYS D 93 28.03 11.09 20.13
C LYS D 93 29.11 10.86 19.04
N LEU D 94 28.65 10.52 17.85
CA LEU D 94 29.50 10.31 16.70
C LEU D 94 30.35 11.53 16.46
N ALA D 95 29.73 12.70 16.49
CA ALA D 95 30.44 13.93 16.30
C ALA D 95 31.59 14.02 17.31
N ARG D 96 31.29 13.84 18.60
CA ARG D 96 32.39 13.90 19.57
C ARG D 96 33.56 12.91 19.24
N GLN D 97 33.22 11.66 18.87
CA GLN D 97 34.24 10.70 18.43
C GLN D 97 35.10 11.22 17.27
N PHE D 98 34.44 11.64 16.21
CA PHE D 98 35.18 12.08 15.04
C PHE D 98 36.08 13.29 15.35
N GLU D 99 35.59 14.24 16.14
CA GLU D 99 36.40 15.37 16.54
C GLU D 99 37.62 14.86 17.30
N GLN D 100 37.44 13.82 18.10
CA GLN D 100 38.56 13.21 18.80
C GLN D 100 39.60 12.57 17.89
N GLN D 101 39.16 12.11 16.73
CA GLN D 101 40.08 11.51 15.77
C GLN D 101 40.51 12.51 14.69
N GLY D 102 40.51 13.78 15.03
CA GLY D 102 40.95 14.85 14.14
C GLY D 102 40.24 15.04 12.80
N LYS D 103 38.94 14.77 12.80
CA LYS D 103 38.14 14.99 11.60
C LYS D 103 37.12 16.11 11.80
N SER D 104 36.97 16.99 10.81
CA SER D 104 36.02 18.08 10.87
C SER D 104 34.64 17.56 10.52
N VAL D 105 33.69 17.80 11.39
CA VAL D 105 32.36 17.25 11.21
C VAL D 105 31.33 18.34 10.89
N MET D 106 30.37 18.01 10.02
CA MET D 106 29.21 18.86 9.81
C MET D 106 27.94 18.05 10.02
N LEU D 107 26.87 18.69 10.48
CA LEU D 107 25.62 17.96 10.69
C LEU D 107 24.51 18.45 9.74
N ALA D 108 23.74 17.54 9.15
CA ALA D 108 22.55 17.98 8.41
C ALA D 108 21.28 17.72 9.23
N ALA D 109 20.45 18.75 9.38
CA ALA D 109 19.18 18.61 10.08
C ALA D 109 18.09 18.18 9.12
N GLY D 110 18.11 16.90 8.72
CA GLY D 110 17.18 16.40 7.71
C GLY D 110 15.83 15.96 8.25
N ASP D 111 15.71 15.87 9.57
CA ASP D 111 14.42 15.66 10.20
C ASP D 111 13.72 17.01 10.12
N THR D 112 12.94 17.17 9.06
CA THR D 112 12.18 18.37 8.88
C THR D 112 10.72 18.10 9.25
N PHE D 113 10.45 16.98 9.91
CA PHE D 113 9.06 16.61 10.21
C PHE D 113 8.62 16.82 11.68
N ARG D 114 9.28 16.11 12.60
CA ARG D 114 8.89 16.20 13.99
C ARG D 114 9.26 17.52 14.68
N ALA D 115 8.40 18.01 15.57
CA ALA D 115 8.60 19.24 16.31
C ALA D 115 9.94 19.39 17.04
N ALA D 116 10.57 20.56 16.86
CA ALA D 116 11.79 20.93 17.57
C ALA D 116 13.04 20.03 17.30
N ALA D 117 12.97 19.20 16.26
CA ALA D 117 14.04 18.30 15.85
C ALA D 117 15.30 19.09 15.48
N VAL D 118 15.09 20.16 14.73
CA VAL D 118 16.19 20.98 14.31
C VAL D 118 16.91 21.57 15.52
N GLU D 119 16.15 22.19 16.43
CA GLU D 119 16.69 22.67 17.70
C GLU D 119 17.41 21.60 18.48
N GLN D 120 16.90 20.35 18.44
CA GLN D 120 17.58 19.27 19.15
C GLN D 120 19.00 19.03 18.57
N LEU D 121 19.04 18.93 17.24
CA LEU D 121 20.29 18.71 16.52
C LEU D 121 21.24 19.88 16.76
N GLN D 122 20.71 21.09 16.71
CA GLN D 122 21.47 22.31 16.90
C GLN D 122 22.14 22.33 18.27
N VAL D 123 21.44 21.83 19.28
CA VAL D 123 22.05 21.72 20.61
C VAL D 123 23.23 20.75 20.50
N TRP D 124 23.05 19.67 19.75
CA TRP D 124 24.21 18.76 19.59
C TRP D 124 25.40 19.35 18.81
N GLY D 125 25.10 20.26 17.88
CA GLY D 125 26.12 20.96 17.13
C GLY D 125 26.88 21.95 18.01
N GLN D 126 26.16 22.65 18.88
CA GLN D 126 26.78 23.59 19.81
C GLN D 126 27.67 22.84 20.81
N ARG D 127 27.20 21.68 21.27
CA ARG D 127 27.99 20.89 22.21
C ARG D 127 29.29 20.42 21.59
N ASN D 128 29.26 20.17 20.29
CA ASN D 128 30.44 19.73 19.56
C ASN D 128 31.18 20.90 18.90
N ASN D 129 30.61 22.09 19.01
CA ASN D 129 31.13 23.28 18.34
C ASN D 129 31.42 23.06 16.86
N ILE D 130 30.40 22.58 16.15
CA ILE D 130 30.52 22.27 14.74
C ILE D 130 29.27 22.79 14.02
N PRO D 131 29.36 23.02 12.69
CA PRO D 131 28.20 23.60 12.03
C PRO D 131 27.02 22.66 11.80
N VAL D 132 25.83 23.24 11.91
CA VAL D 132 24.61 22.49 11.63
C VAL D 132 23.90 23.18 10.51
N ILE D 133 23.67 22.45 9.44
CA ILE D 133 22.91 22.96 8.32
C ILE D 133 21.44 22.58 8.34
N ALA D 134 20.59 23.58 8.21
CA ALA D 134 19.17 23.40 8.50
C ALA D 134 18.30 24.34 7.68
N GLN D 135 17.04 23.94 7.49
CA GLN D 135 16.04 24.89 7.01
C GLN D 135 15.02 25.00 8.12
N HIS D 136 13.83 24.45 7.92
CA HIS D 136 12.82 24.57 8.97
C HIS D 136 12.03 23.30 8.98
N THR D 137 11.26 23.10 10.04
CA THR D 137 10.26 22.06 10.04
C THR D 137 9.30 22.44 8.92
N GLY D 138 8.95 21.45 8.12
CA GLY D 138 8.16 21.66 6.92
C GLY D 138 8.99 21.51 5.67
N ALA D 139 10.27 21.86 5.74
CA ALA D 139 11.17 21.71 4.59
C ALA D 139 11.29 20.27 4.05
N ASP D 140 11.73 20.18 2.82
CA ASP D 140 12.05 18.92 2.20
C ASP D 140 13.38 18.41 2.76
N SER D 141 13.35 17.21 3.36
CA SER D 141 14.53 16.60 3.98
C SER D 141 15.70 16.48 2.97
N ALA D 142 15.39 15.95 1.79
CA ALA D 142 16.36 15.78 0.74
C ALA D 142 17.07 17.12 0.39
N SER D 143 16.35 18.23 0.39
CA SER D 143 16.96 19.50 0.02
C SER D 143 17.90 19.99 1.14
N VAL D 144 17.53 19.67 2.36
CA VAL D 144 18.38 20.02 3.47
C VAL D 144 19.71 19.26 3.35
N ILE D 145 19.62 17.97 3.03
CA ILE D 145 20.83 17.19 2.84
C ILE D 145 21.63 17.75 1.65
N PHE D 146 20.94 18.19 0.61
CA PHE D 146 21.58 18.70 -0.60
C PHE D 146 22.44 19.89 -0.20
N ASP D 147 21.80 20.87 0.41
CA ASP D 147 22.49 22.04 0.95
C ASP D 147 23.66 21.62 1.84
N ALA D 148 23.47 20.58 2.63
CA ALA D 148 24.52 20.10 3.51
C ALA D 148 25.75 19.64 2.72
N ILE D 149 25.55 18.81 1.71
CA ILE D 149 26.68 18.26 0.98
C ILE D 149 27.43 19.39 0.25
N GLN D 150 26.65 20.30 -0.30
CA GLN D 150 27.24 21.45 -0.98
C GLN D 150 28.13 22.20 0.00
N ALA D 151 27.60 22.48 1.17
CA ALA D 151 28.37 23.20 2.18
C ALA D 151 29.63 22.49 2.68
N ALA D 152 29.55 21.17 2.81
CA ALA D 152 30.68 20.42 3.30
C ALA D 152 31.79 20.42 2.25
N LYS D 153 31.40 20.32 0.99
CA LYS D 153 32.37 20.41 -0.10
C LYS D 153 33.04 21.79 -0.08
N ALA D 154 32.26 22.84 0.03
CA ALA D 154 32.85 24.17 0.09
C ALA D 154 33.81 24.35 1.27
N ARG D 155 33.47 23.78 2.42
CA ARG D 155 34.28 24.04 3.61
C ARG D 155 35.27 22.92 3.97
N ASN D 156 35.61 22.09 2.99
CA ASN D 156 36.48 20.92 3.18
C ASN D 156 36.26 20.15 4.48
N ILE D 157 35.01 19.78 4.72
CA ILE D 157 34.65 18.97 5.87
C ILE D 157 35.01 17.51 5.60
N ASP D 158 35.48 16.79 6.62
CA ASP D 158 35.84 15.38 6.46
C ASP D 158 34.66 14.44 6.63
N VAL D 159 33.80 14.71 7.61
CA VAL D 159 32.63 13.86 7.82
C VAL D 159 31.33 14.66 7.94
N LEU D 160 30.36 14.31 7.10
CA LEU D 160 29.00 14.86 7.16
C LEU D 160 28.00 13.81 7.66
N ILE D 161 27.40 14.07 8.82
CA ILE D 161 26.35 13.19 9.35
C ILE D 161 24.96 13.76 9.07
N ALA D 162 24.17 13.03 8.30
CA ALA D 162 22.83 13.51 7.94
C ALA D 162 21.75 12.84 8.80
N ASP D 163 21.03 13.65 9.56
CA ASP D 163 19.87 13.18 10.33
C ASP D 163 18.65 13.02 9.42
N THR D 164 17.87 11.97 9.64
CA THR D 164 16.56 11.91 9.00
C THR D 164 15.48 11.82 10.05
N ALA D 165 14.25 12.09 9.64
CA ALA D 165 13.10 11.84 10.51
C ALA D 165 12.87 10.34 10.67
N GLY D 166 12.65 9.93 11.92
CA GLY D 166 12.18 8.58 12.20
C GLY D 166 10.88 8.27 11.45
N ARG D 167 10.78 7.03 11.01
CA ARG D 167 9.70 6.59 10.20
C ARG D 167 9.52 5.08 10.45
N LEU D 168 8.28 4.61 10.37
CA LEU D 168 8.01 3.20 10.46
C LEU D 168 8.13 2.53 9.09
N GLN D 169 8.72 1.34 9.06
CA GLN D 169 9.06 0.69 7.81
C GLN D 169 7.84 0.26 7.00
N ASN D 170 6.70 0.12 7.66
CA ASN D 170 5.48 -0.21 6.91
C ASN D 170 4.84 1.00 6.18
N LYS D 171 5.28 2.21 6.47
CA LYS D 171 4.79 3.40 5.74
C LYS D 171 5.56 3.58 4.43
N SER D 172 5.10 2.92 3.39
CA SER D 172 5.81 2.91 2.12
C SER D 172 6.18 4.31 1.59
N HIS D 173 5.29 5.31 1.74
CA HIS D 173 5.63 6.61 1.16
C HIS D 173 6.82 7.22 1.89
N LEU D 174 6.90 6.95 3.18
CA LEU D 174 8.05 7.42 3.95
C LEU D 174 9.37 6.76 3.51
N MET D 175 9.28 5.47 3.16
CA MET D 175 10.43 4.77 2.59
C MET D 175 10.84 5.37 1.25
N GLU D 176 9.83 5.65 0.42
CA GLU D 176 10.08 6.30 -0.87
C GLU D 176 10.83 7.60 -0.63
N GLU D 177 10.51 8.30 0.44
CA GLU D 177 11.26 9.50 0.75
C GLU D 177 12.74 9.18 1.06
N LEU D 178 13.02 8.11 1.79
CA LEU D 178 14.45 7.76 1.97
C LEU D 178 15.17 7.60 0.61
N LYS D 179 14.52 6.88 -0.31
CA LYS D 179 15.02 6.76 -1.67
C LYS D 179 15.25 8.10 -2.37
N LYS D 180 14.34 9.04 -2.15
CA LYS D 180 14.47 10.37 -2.70
C LYS D 180 15.73 11.04 -2.18
N ILE D 181 15.91 10.99 -0.86
CA ILE D 181 17.07 11.57 -0.19
C ILE D 181 18.37 11.02 -0.77
N VAL D 182 18.45 9.70 -0.88
CA VAL D 182 19.63 9.09 -1.47
C VAL D 182 19.88 9.61 -2.92
N ARG D 183 18.85 9.52 -3.74
CA ARG D 183 18.94 9.95 -5.14
C ARG D 183 19.47 11.38 -5.26
N VAL D 184 18.96 12.22 -4.38
CA VAL D 184 19.33 13.62 -4.42
C VAL D 184 20.80 13.77 -4.04
N MET D 185 21.25 13.04 -3.03
CA MET D 185 22.68 13.02 -2.76
C MET D 185 23.47 12.64 -4.02
N LYS D 186 23.01 11.62 -4.75
CA LYS D 186 23.68 11.23 -6.01
C LYS D 186 23.78 12.41 -6.97
N LYS D 187 22.91 13.42 -6.84
CA LYS D 187 23.07 14.58 -7.74
C LYS D 187 24.38 15.37 -7.51
N LEU D 188 25.01 15.20 -6.35
CA LEU D 188 26.21 15.98 -6.00
C LEU D 188 27.45 15.10 -5.85
N ASP D 189 27.22 13.83 -5.55
CA ASP D 189 28.28 12.89 -5.28
C ASP D 189 27.75 11.47 -5.42
N VAL D 190 28.15 10.85 -6.52
CA VAL D 190 27.62 9.56 -6.94
C VAL D 190 27.87 8.45 -5.90
N GLU D 191 28.85 8.64 -5.00
CA GLU D 191 29.27 7.57 -4.08
C GLU D 191 28.75 7.77 -2.67
N ALA D 192 28.03 8.88 -2.50
CA ALA D 192 27.33 9.21 -1.28
C ALA D 192 25.90 8.68 -1.38
N PRO D 193 25.31 8.24 -0.26
CA PRO D 193 25.84 8.15 1.10
C PRO D 193 26.91 7.06 1.22
N HIS D 194 28.00 7.38 1.89
CA HIS D 194 29.10 6.43 2.01
C HIS D 194 28.80 5.40 3.07
N GLU D 195 27.90 5.77 3.97
CA GLU D 195 27.47 4.90 5.03
C GLU D 195 26.00 5.18 5.36
N VAL D 196 25.13 4.20 5.14
CA VAL D 196 23.76 4.26 5.62
C VAL D 196 23.62 3.43 6.88
N MET D 197 23.46 4.12 8.01
CA MET D 197 23.46 3.54 9.36
C MET D 197 22.05 3.36 9.94
N LEU D 198 21.61 2.12 10.18
CA LEU D 198 20.38 1.87 10.88
C LEU D 198 20.65 1.99 12.35
N THR D 199 19.73 2.58 13.09
CA THR D 199 19.81 2.59 14.55
C THR D 199 18.70 1.75 15.13
N ILE D 200 19.08 0.81 15.98
CA ILE D 200 18.12 -0.08 16.59
C ILE D 200 18.16 0.11 18.10
N ASP D 201 16.98 0.36 18.66
CA ASP D 201 16.80 0.45 20.10
C ASP D 201 16.97 -0.99 20.66
N ALA D 202 17.72 -1.13 21.75
CA ALA D 202 17.97 -2.48 22.26
C ALA D 202 16.74 -3.05 22.92
N SER D 203 15.74 -2.20 23.21
CA SER D 203 14.50 -2.68 23.81
C SER D 203 13.67 -3.42 22.79
N THR D 204 13.97 -3.22 21.50
CA THR D 204 13.14 -3.76 20.44
C THR D 204 13.20 -5.28 20.42
N GLY D 205 12.08 -5.92 20.13
CA GLY D 205 12.06 -7.35 20.02
C GLY D 205 12.15 -7.68 18.55
N GLN D 206 11.35 -8.65 18.13
CA GLN D 206 11.50 -9.27 16.83
C GLN D 206 11.29 -8.33 15.64
N ASN D 207 10.63 -7.20 15.90
CA ASN D 207 10.35 -6.22 14.86
C ASN D 207 11.63 -5.62 14.23
N ALA D 208 12.72 -5.63 15.00
CA ALA D 208 14.01 -5.18 14.47
C ALA D 208 14.35 -5.93 13.19
N VAL D 209 13.95 -7.19 13.10
CA VAL D 209 14.19 -7.96 11.87
C VAL D 209 13.55 -7.21 10.72
N SER D 210 12.26 -6.95 10.88
CA SER D 210 11.48 -6.19 9.91
C SER D 210 12.14 -4.85 9.58
N GLN D 211 12.57 -4.13 10.61
CA GLN D 211 13.23 -2.85 10.37
C GLN D 211 14.45 -3.08 9.45
N ALA D 212 15.34 -3.99 9.88
CA ALA D 212 16.56 -4.24 9.10
C ALA D 212 16.17 -4.67 7.70
N LYS D 213 15.11 -5.45 7.56
CA LYS D 213 14.76 -5.91 6.22
C LYS D 213 14.36 -4.71 5.38
N LEU D 214 13.35 -3.97 5.86
CA LEU D 214 12.67 -3.03 4.99
C LEU D 214 13.54 -1.83 4.67
N PHE D 215 14.15 -1.25 5.69
CA PHE D 215 15.15 -0.20 5.46
C PHE D 215 16.23 -0.67 4.48
N HIS D 216 16.69 -1.90 4.66
CA HIS D 216 17.72 -2.43 3.77
C HIS D 216 17.20 -2.39 2.35
N GLU D 217 16.01 -2.95 2.13
CA GLU D 217 15.45 -3.06 0.80
C GLU D 217 15.22 -1.68 0.21
N ALA D 218 15.08 -0.69 1.09
CA ALA D 218 14.81 0.64 0.62
C ALA D 218 16.11 1.27 0.12
N VAL D 219 17.18 1.08 0.89
CA VAL D 219 18.30 1.99 0.72
C VAL D 219 19.68 1.30 0.71
N GLY D 220 19.74 0.09 1.24
CA GLY D 220 20.98 -0.65 1.36
C GLY D 220 21.65 -0.15 2.62
N LEU D 221 21.60 -0.95 3.68
CA LEU D 221 22.22 -0.57 4.95
C LEU D 221 23.66 -0.98 4.96
N THR D 222 24.53 -0.11 5.47
CA THR D 222 25.94 -0.49 5.54
C THR D 222 26.42 -0.56 6.99
N GLY D 223 25.59 -0.17 7.94
CA GLY D 223 25.95 -0.29 9.32
C GLY D 223 24.76 -0.17 10.25
N ILE D 224 24.89 -0.74 11.45
CA ILE D 224 23.84 -0.66 12.46
C ILE D 224 24.45 -0.07 13.73
N THR D 225 23.69 0.73 14.47
CA THR D 225 24.13 1.16 15.78
C THR D 225 23.06 0.68 16.73
N LEU D 226 23.49 0.09 17.83
CA LEU D 226 22.59 -0.50 18.80
C LEU D 226 22.54 0.38 20.04
N THR D 227 21.40 0.99 20.30
CA THR D 227 21.34 1.98 21.36
C THR D 227 20.63 1.48 22.61
N LYS D 228 20.74 2.29 23.66
CA LYS D 228 20.04 2.08 24.93
C LYS D 228 20.34 0.73 25.56
N LEU D 229 21.61 0.35 25.55
CA LEU D 229 22.09 -0.88 26.17
C LEU D 229 22.51 -0.66 27.61
N ASP D 230 22.29 0.54 28.13
CA ASP D 230 22.63 0.82 29.52
C ASP D 230 21.54 0.41 30.50
N GLY D 231 20.50 -0.24 29.99
CA GLY D 231 19.45 -0.78 30.83
C GLY D 231 19.56 -2.28 31.04
N THR D 232 18.42 -2.93 31.03
CA THR D 232 18.35 -4.38 31.24
C THR D 232 18.11 -5.11 29.91
N ALA D 233 17.82 -4.36 28.86
CA ALA D 233 17.55 -4.98 27.56
C ALA D 233 18.87 -5.47 26.98
N LYS D 234 18.92 -6.68 26.45
CA LYS D 234 20.20 -7.28 26.05
C LYS D 234 20.58 -7.07 24.59
N GLY D 235 19.58 -6.82 23.74
CA GLY D 235 19.77 -6.59 22.33
C GLY D 235 20.04 -7.86 21.55
N GLY D 236 19.43 -8.97 21.95
CA GLY D 236 19.70 -10.27 21.35
C GLY D 236 19.21 -10.46 19.92
N VAL D 237 18.27 -9.62 19.53
CA VAL D 237 17.65 -9.76 18.22
C VAL D 237 18.71 -9.57 17.16
N ILE D 238 19.75 -8.86 17.54
CA ILE D 238 20.86 -8.60 16.63
C ILE D 238 21.46 -9.90 16.05
N PHE D 239 21.49 -10.98 16.81
CA PHE D 239 21.97 -12.24 16.23
C PHE D 239 21.15 -12.59 14.98
N SER D 240 19.82 -12.62 15.12
CA SER D 240 18.93 -12.84 13.96
C SER D 240 19.27 -11.88 12.84
N VAL D 241 19.40 -10.62 13.23
CA VAL D 241 19.56 -9.60 12.22
C VAL D 241 20.89 -9.84 11.50
N ALA D 242 21.90 -10.20 12.28
CA ALA D 242 23.22 -10.49 11.76
C ALA D 242 23.18 -11.70 10.84
N ASP D 243 22.38 -12.69 11.20
CA ASP D 243 22.25 -13.93 10.46
C ASP D 243 21.62 -13.70 9.09
N GLN D 244 20.64 -12.80 9.00
CA GLN D 244 19.82 -12.66 7.80
C GLN D 244 20.30 -11.63 6.77
N PHE D 245 20.97 -10.56 7.21
CA PHE D 245 21.31 -9.47 6.28
C PHE D 245 22.82 -9.12 6.25
N GLY D 246 23.56 -9.58 7.27
CA GLY D 246 24.99 -9.41 7.35
C GLY D 246 25.47 -7.98 7.32
N ILE D 247 24.79 -7.13 8.07
CA ILE D 247 25.15 -5.73 8.14
C ILE D 247 26.07 -5.50 9.32
N PRO D 248 27.26 -4.95 9.07
CA PRO D 248 28.20 -4.64 10.14
C PRO D 248 27.58 -3.81 11.24
N ILE D 249 27.86 -4.16 12.48
CA ILE D 249 27.41 -3.42 13.66
C ILE D 249 28.52 -2.45 14.07
N ARG D 250 28.29 -1.16 13.87
CA ARG D 250 29.32 -0.19 14.09
C ARG D 250 29.50 0.20 15.56
N TYR D 251 28.42 0.60 16.23
CA TYR D 251 28.58 1.07 17.61
C TYR D 251 27.51 0.56 18.55
N ILE D 252 27.70 0.86 19.83
CA ILE D 252 26.64 0.70 20.82
C ILE D 252 26.48 1.99 21.60
N GLY D 253 25.23 2.36 21.84
CA GLY D 253 24.90 3.49 22.68
C GLY D 253 24.69 2.98 24.09
N VAL D 254 25.31 3.61 25.06
CA VAL D 254 25.22 3.08 26.40
C VAL D 254 24.88 4.22 27.35
N GLY D 255 24.12 5.18 26.85
CA GLY D 255 23.66 6.28 27.68
C GLY D 255 23.26 7.54 26.94
N GLU D 256 23.06 8.62 27.67
CA GLU D 256 22.59 9.87 27.09
C GLU D 256 23.65 10.97 27.08
N ARG D 257 24.77 10.75 27.76
CA ARG D 257 25.86 11.73 27.72
C ARG D 257 26.61 11.66 26.39
N ILE D 258 27.26 12.76 26.04
CA ILE D 258 27.93 12.87 24.75
C ILE D 258 29.05 11.84 24.56
N GLU D 259 29.46 11.17 25.64
CA GLU D 259 30.54 10.18 25.63
C GLU D 259 30.09 8.71 25.62
N ASP D 260 28.78 8.46 25.73
CA ASP D 260 28.28 7.09 25.92
C ASP D 260 28.02 6.37 24.61
N LEU D 261 29.07 6.26 23.80
CA LEU D 261 29.06 5.51 22.55
C LEU D 261 30.36 4.72 22.55
N ARG D 262 30.30 3.46 22.15
CA ARG D 262 31.49 2.64 22.10
C ARG D 262 31.54 1.99 20.74
N PRO D 263 32.75 1.87 20.15
CA PRO D 263 32.87 1.03 18.96
C PRO D 263 32.41 -0.38 19.32
N PHE D 264 31.74 -1.06 18.40
CA PHE D 264 31.22 -2.37 18.71
C PHE D 264 32.35 -3.41 18.86
N LYS D 265 32.35 -4.06 20.02
CA LYS D 265 33.22 -5.21 20.30
C LYS D 265 32.43 -6.46 20.61
N ALA D 266 32.54 -7.47 19.73
CA ALA D 266 31.76 -8.69 19.83
C ALA D 266 31.81 -9.41 21.18
N ASP D 267 33.02 -9.64 21.68
CA ASP D 267 33.20 -10.39 22.94
C ASP D 267 32.70 -9.61 24.17
N ASP D 268 32.91 -8.30 24.15
CA ASP D 268 32.41 -7.44 25.22
C ASP D 268 30.88 -7.54 25.27
N PHE D 269 30.26 -7.56 24.08
CA PHE D 269 28.83 -7.70 23.91
C PHE D 269 28.26 -9.03 24.39
N ILE D 270 28.93 -10.11 24.01
CA ILE D 270 28.52 -11.44 24.42
C ILE D 270 28.67 -11.61 25.93
N GLU D 271 29.80 -11.11 26.44
CA GLU D 271 30.01 -11.15 27.87
C GLU D 271 28.92 -10.35 28.54
N ALA D 272 28.60 -9.17 28.03
CA ALA D 272 27.58 -8.32 28.67
C ALA D 272 26.29 -9.09 28.67
N LEU D 273 26.00 -9.77 27.56
CA LEU D 273 24.74 -10.48 27.42
C LEU D 273 24.57 -11.50 28.53
N PHE D 274 25.65 -12.21 28.88
CA PHE D 274 25.49 -13.13 30.02
C PHE D 274 25.72 -12.54 31.42
N ALA D 275 26.79 -11.78 31.57
CA ALA D 275 27.22 -11.17 32.83
C ALA D 275 26.16 -10.24 33.42
N ARG D 276 25.24 -9.78 32.58
CA ARG D 276 24.07 -9.03 33.05
C ARG D 276 23.21 -9.95 33.90
N GLU D 277 22.81 -9.45 35.06
CA GLU D 277 22.15 -10.24 36.09
C GLU D 277 20.87 -9.52 36.49
AL ALF F . -14.37 5.98 -31.53
F1 ALF F . -12.95 5.70 -32.56
F2 ALF F . -15.76 6.27 -30.51
F3 ALF F . -14.43 7.64 -32.09
F4 ALF F . -14.29 4.29 -30.97
MG MG G . -12.53 8.60 -32.55
PB GDP H . -11.77 6.79 -29.88
O1B GDP H . -11.40 7.89 -30.84
O2B GDP H . -13.24 6.45 -29.99
O3B GDP H . -10.96 5.54 -30.16
O3A GDP H . -11.47 7.27 -28.41
PA GDP H . -11.33 8.82 -28.12
O1A GDP H . -10.05 9.36 -28.71
O2A GDP H . -12.50 9.60 -28.67
O5' GDP H . -11.21 8.92 -26.53
C5' GDP H . -12.20 8.38 -25.68
C4' GDP H . -12.04 8.97 -24.28
O4' GDP H . -10.84 8.44 -23.72
C3' GDP H . -11.86 10.48 -24.27
O3' GDP H . -12.27 10.95 -23.01
C2' GDP H . -10.36 10.69 -24.26
O2' GDP H . -10.01 11.93 -23.64
C1' GDP H . -9.95 9.51 -23.40
N9 GDP H . -8.55 9.15 -23.59
C8 GDP H . -7.88 8.82 -24.72
N7 GDP H . -6.58 8.56 -24.45
C5 GDP H . -6.41 8.73 -23.11
C6 GDP H . -5.31 8.62 -22.12
O6 GDP H . -4.17 8.29 -22.48
N1 GDP H . -5.56 8.88 -20.83
C2 GDP H . -6.80 9.22 -20.42
N2 GDP H . -7.05 9.49 -19.13
N3 GDP H . -7.84 9.34 -21.27
C4 GDP H . -7.71 9.11 -22.58
AL ALF I . -15.80 10.72 -22.35
F1 ALF I . -16.56 10.75 -20.75
F2 ALF I . -15.05 10.66 -23.96
F3 ALF I . -17.02 11.81 -23.06
F4 ALF I . -14.58 9.66 -21.66
MG MG J . -19.18 11.56 -23.09
PB GDP K . -17.98 8.46 -22.88
O1B GDP K . -19.10 9.42 -22.99
O2B GDP K . -16.69 9.21 -22.87
O3B GDP K . -18.07 7.60 -21.64
O3A GDP K . -17.99 7.49 -24.13
PA GDP K . -18.94 7.60 -25.40
O1A GDP K . -20.40 7.62 -25.02
O2A GDP K . -18.60 8.72 -26.36
O5' GDP K . -18.60 6.14 -25.99
C5' GDP K . -17.42 5.95 -26.74
C4' GDP K . -17.70 5.02 -27.90
O4' GDP K . -18.30 3.84 -27.39
C3' GDP K . -18.70 5.63 -28.86
O3' GDP K . -18.13 5.54 -30.17
C2' GDP K . -19.93 4.74 -28.77
O2' GDP K . -20.63 4.61 -30.03
C1' GDP K . -19.32 3.44 -28.29
N9 GDP K . -20.28 2.63 -27.52
C8 GDP K . -20.96 3.04 -26.43
N7 GDP K . -21.73 2.02 -25.98
C5 GDP K . -21.53 0.94 -26.77
C6 GDP K . -22.04 -0.46 -26.85
O6 GDP K . -22.89 -0.88 -26.00
N1 GDP K . -21.55 -1.24 -27.84
C2 GDP K . -20.66 -0.77 -28.73
N2 GDP K . -20.18 -1.56 -29.72
N3 GDP K . -20.19 0.49 -28.70
C4 GDP K . -20.57 1.37 -27.77
AL ALF L . 12.08 11.50 26.07
F1 ALF L . 10.67 11.78 27.09
F2 ALF L . 13.50 11.19 25.04
F3 ALF L . 11.87 13.09 25.33
F4 ALF L . 12.31 9.91 26.81
MG MG M . 9.82 13.83 25.63
PB GDP N . 9.46 10.76 24.48
O1B GDP N . 8.86 12.08 24.77
O2B GDP N . 10.94 10.78 24.75
O3B GDP N . 8.99 9.65 25.35
O3A GDP N . 9.16 10.43 22.95
PA GDP N . 8.56 11.53 21.96
O1A GDP N . 7.25 12.07 22.45
O2A GDP N . 9.48 12.67 21.74
O5' GDP N . 8.39 10.67 20.62
C5' GDP N . 9.48 9.94 20.09
C4' GDP N . 9.23 9.67 18.62
O4' GDP N . 8.10 8.81 18.46
C3' GDP N . 8.84 10.92 17.85
O3' GDP N . 9.43 10.76 16.56
C2' GDP N . 7.30 10.86 17.76
O2' GDP N . 6.77 11.48 16.60
C1' GDP N . 7.15 9.38 17.58
N9 GDP N . 5.88 8.82 18.01
C8 GDP N . 5.29 8.94 19.22
N7 GDP N . 4.15 8.22 19.21
C5 GDP N . 4.04 7.60 18.02
C6 GDP N . 3.10 6.68 17.35
O6 GDP N . 2.09 6.31 17.97
N1 GDP N . 3.34 6.28 16.08
C2 GDP N . 4.45 6.71 15.45
N2 GDP N . 4.75 6.34 14.20
N3 GDP N . 5.32 7.55 16.02
C4 GDP N . 5.18 8.01 17.25
AL ALF O . 12.87 11.00 15.79
F1 ALF O . 13.74 10.39 14.34
F2 ALF O . 12.01 11.60 17.20
F3 ALF O . 13.87 12.46 15.90
F4 ALF O . 11.87 9.55 15.69
MG MG P . 15.99 12.71 15.82
PB GDP Q . 15.48 9.77 17.26
O1B GDP Q . 16.41 10.80 16.70
O2B GDP Q . 14.03 10.18 17.10
O3B GDP Q . 15.67 8.45 16.58
O3A GDP Q . 15.83 9.53 18.79
PA GDP Q . 16.50 10.57 19.77
O1A GDP Q . 17.91 10.82 19.33
O2A GDP Q . 15.70 11.84 19.94
O5' GDP Q . 16.47 9.79 21.17
C5' GDP Q . 15.28 9.59 21.92
C4' GDP Q . 15.61 9.36 23.38
O4' GDP Q . 16.45 8.23 23.50
C3' GDP Q . 16.40 10.53 23.89
O3' GDP Q . 16.00 10.81 25.24
C2' GDP Q . 17.83 10.06 23.97
O2' GDP Q . 18.55 10.74 25.02
C1' GDP Q . 17.60 8.60 24.29
N9 GDP Q . 18.78 7.74 23.98
C8 GDP Q . 19.44 7.59 22.83
N7 GDP Q . 20.41 6.68 22.97
C5 GDP Q . 20.40 6.25 24.24
C6 GDP Q . 21.16 5.30 25.06
O6 GDP Q . 22.11 4.67 24.56
N1 GDP Q . 20.79 5.16 26.34
C2 GDP Q . 19.79 5.85 26.89
N2 GDP Q . 19.47 5.65 28.18
N3 GDP Q . 19.04 6.71 26.20
C4 GDP Q . 19.31 6.94 24.89
PB GDP R . 0.86 15.17 4.96
O1B GDP R . 1.30 16.19 3.92
O2B GDP R . 1.36 15.58 6.32
O3B GDP R . -0.66 15.10 4.94
O3A GDP R . 1.46 13.71 4.64
PA GDP R . 1.76 13.30 3.11
O1A GDP R . 1.30 11.88 2.89
O2A GDP R . 1.14 14.24 2.10
O5' GDP R . 3.37 13.42 3.11
C5' GDP R . 3.99 14.68 2.93
C4' GDP R . 5.34 14.74 3.64
O4' GDP R . 5.17 14.88 5.05
C3' GDP R . 6.14 13.46 3.44
O3' GDP R . 7.07 13.62 2.38
C2' GDP R . 6.84 13.21 4.76
O2' GDP R . 8.18 13.70 4.74
C1' GDP R . 6.07 14.03 5.77
N9 GDP R . 5.35 13.14 6.74
C8 GDP R . 4.01 12.98 6.81
N7 GDP R . 3.66 12.13 7.80
C5 GDP R . 4.80 11.71 8.40
C6 GDP R . 5.15 10.81 9.51
O6 GDP R . 4.30 10.20 10.16
N1 GDP R . 6.44 10.66 9.80
C2 GDP R . 7.42 11.28 9.13
N2 GDP R . 8.69 11.05 9.51
N3 GDP R . 7.17 12.13 8.09
C4 GDP R . 5.91 12.38 7.69
#